data_1B60
# 
_entry.id   1B60 
# 
_audit_conform.dict_name       mmcif_pdbx.dic 
_audit_conform.dict_version    5.383 
_audit_conform.dict_location   http://mmcif.pdb.org/dictionaries/ascii/mmcif_pdbx.dic 
# 
loop_
_database_2.database_id 
_database_2.database_code 
_database_2.pdbx_database_accession 
_database_2.pdbx_DOI 
PDB   1B60         pdb_00001b60 10.2210/pdb1b60/pdb 
RCSB  RCSB007019   ?            ?                   
WWPDB D_1000007019 ?            ?                   
# 
loop_
_pdbx_audit_revision_history.ordinal 
_pdbx_audit_revision_history.data_content_type 
_pdbx_audit_revision_history.major_revision 
_pdbx_audit_revision_history.minor_revision 
_pdbx_audit_revision_history.revision_date 
1 'Structure model' 1 0 2000-02-18 
2 'Structure model' 1 1 2008-04-27 
3 'Structure model' 1 2 2011-07-13 
4 'Structure model' 1 3 2012-01-18 
5 'Structure model' 1 4 2023-12-27 
# 
_pdbx_audit_revision_details.ordinal             1 
_pdbx_audit_revision_details.revision_ordinal    1 
_pdbx_audit_revision_details.data_content_type   'Structure model' 
_pdbx_audit_revision_details.provider            repository 
_pdbx_audit_revision_details.type                'Initial release' 
_pdbx_audit_revision_details.description         ? 
_pdbx_audit_revision_details.details             ? 
# 
loop_
_pdbx_audit_revision_group.ordinal 
_pdbx_audit_revision_group.revision_ordinal 
_pdbx_audit_revision_group.data_content_type 
_pdbx_audit_revision_group.group 
1 2 'Structure model' 'Version format compliance' 
2 3 'Structure model' 'Version format compliance' 
3 4 'Structure model' 'Atomic model'              
4 5 'Structure model' 'Data collection'           
5 5 'Structure model' 'Database references'       
6 5 'Structure model' 'Derived calculations'      
# 
loop_
_pdbx_audit_revision_category.ordinal 
_pdbx_audit_revision_category.revision_ordinal 
_pdbx_audit_revision_category.data_content_type 
_pdbx_audit_revision_category.category 
1 5 'Structure model' chem_comp_atom    
2 5 'Structure model' chem_comp_bond    
3 5 'Structure model' database_2        
4 5 'Structure model' pdbx_nmr_software 
5 5 'Structure model' struct_conn       
# 
loop_
_pdbx_audit_revision_item.ordinal 
_pdbx_audit_revision_item.revision_ordinal 
_pdbx_audit_revision_item.data_content_type 
_pdbx_audit_revision_item.item 
1  5 'Structure model' '_database_2.pdbx_DOI'                
2  5 'Structure model' '_database_2.pdbx_database_accession' 
3  5 'Structure model' '_pdbx_nmr_software.name'             
4  5 'Structure model' '_struct_conn.pdbx_leaving_atom_flag' 
5  5 'Structure model' '_struct_conn.ptnr1_auth_comp_id'     
6  5 'Structure model' '_struct_conn.ptnr1_auth_seq_id'      
7  5 'Structure model' '_struct_conn.ptnr1_label_atom_id'    
8  5 'Structure model' '_struct_conn.ptnr1_label_comp_id'    
9  5 'Structure model' '_struct_conn.ptnr1_label_seq_id'     
10 5 'Structure model' '_struct_conn.ptnr2_auth_comp_id'     
11 5 'Structure model' '_struct_conn.ptnr2_auth_seq_id'      
12 5 'Structure model' '_struct_conn.ptnr2_label_atom_id'    
13 5 'Structure model' '_struct_conn.ptnr2_label_comp_id'    
14 5 'Structure model' '_struct_conn.ptnr2_label_seq_id'     
# 
_pdbx_database_status.status_code                     REL 
_pdbx_database_status.entry_id                        1B60 
_pdbx_database_status.recvd_initial_deposition_date   1999-01-20 
_pdbx_database_status.deposit_site                    BNL 
_pdbx_database_status.process_site                    RCSB 
_pdbx_database_status.status_code_mr                  REL 
_pdbx_database_status.SG_entry                        . 
_pdbx_database_status.status_code_sf                  ? 
_pdbx_database_status.status_code_cs                  ? 
_pdbx_database_status.methods_development_category    ? 
_pdbx_database_status.pdb_format_compatible           Y 
_pdbx_database_status.status_code_nmr_data            ? 
# 
loop_
_audit_author.name 
_audit_author.pdbx_ordinal 
'Cullinan, D.'      1 
'Johnson, F.'       2 
'De Los Santos, C.' 3 
# 
loop_
_citation.id 
_citation.title 
_citation.journal_abbrev 
_citation.journal_volume 
_citation.page_first 
_citation.page_last 
_citation.year 
_citation.journal_id_ASTM 
_citation.country 
_citation.journal_id_ISSN 
_citation.journal_id_CSD 
_citation.book_publisher 
_citation.pdbx_database_id_PubMed 
_citation.pdbx_database_id_DOI 
primary 
;Solution structure of an 11-mer duplex containing the 3, N(4)-ethenocytosine adduct opposite 2'-deoxycytidine: implications for the recognition of exocyclic lesions by DNA glycosylases.
;
J.Mol.Biol.  296 851   861   2000 JMOBAK UK 0022-2836 0070 ? 10677286 10.1006/jmbi.1999.3490 
1       
;Solution Structure of a DNA Duplex Containing the Exocyclic Lesion 3,N4-Etheno- 2'-Deoxycytidine Opposite 2'-Deoxyguanosine
;
Biochemistry 36  11933 11943 1997 BICHAW US 0006-2960 0033 ? ?        ?                      
# 
loop_
_citation_author.citation_id 
_citation_author.name 
_citation_author.ordinal 
_citation_author.identifier_ORCID 
primary 'Cullinan, D.'      1 ? 
primary 'Johnson, F.'       2 ? 
primary 'de los Santos, C.' 3 ? 
# 
loop_
_entity.id 
_entity.type 
_entity.src_method 
_entity.pdbx_description 
_entity.formula_weight 
_entity.pdbx_number_of_molecules 
_entity.pdbx_ec 
_entity.pdbx_mutation 
_entity.pdbx_fragment 
_entity.details 
1 polymer syn 
;DNA (5'-D(*CP*GP*TP*AP*CP*(EDC)P*CP*AP*TP*GP*C)-3')
;
3318.184 1 ? ? ? ? 
2 polymer syn 
;DNA (5'-D(*GP*CP*AP*TP*GP*CP*GP*TP*AP*CP*G)-3')
;
3374.210 1 ? ? ? ? 
# 
loop_
_entity_name_com.entity_id 
_entity_name_com.name 
1 'ETHENODC, EDC, EPSILON-DC' 
2 'ETHENODC, EDC, EPSILON-DC' 
# 
loop_
_entity_poly.entity_id 
_entity_poly.type 
_entity_poly.nstd_linkage 
_entity_poly.nstd_monomer 
_entity_poly.pdbx_seq_one_letter_code 
_entity_poly.pdbx_seq_one_letter_code_can 
_entity_poly.pdbx_strand_id 
_entity_poly.pdbx_target_identifier 
1 polydeoxyribonucleotide no yes '(DC)(DG)(DT)(DA)(DC)(EDC)(DC)(DA)(DT)(DG)(DC)' CGTACXCATGC A ? 
2 polydeoxyribonucleotide no no  '(DG)(DC)(DA)(DT)(DG)(DC)(DG)(DT)(DA)(DC)(DG)'  GCATGCGTACG B ? 
# 
loop_
_entity_poly_seq.entity_id 
_entity_poly_seq.num 
_entity_poly_seq.mon_id 
_entity_poly_seq.hetero 
1 1  DC  n 
1 2  DG  n 
1 3  DT  n 
1 4  DA  n 
1 5  DC  n 
1 6  EDC n 
1 7  DC  n 
1 8  DA  n 
1 9  DT  n 
1 10 DG  n 
1 11 DC  n 
2 1  DG  n 
2 2  DC  n 
2 3  DA  n 
2 4  DT  n 
2 5  DG  n 
2 6  DC  n 
2 7  DG  n 
2 8  DT  n 
2 9  DA  n 
2 10 DC  n 
2 11 DG  n 
# 
loop_
_chem_comp.id 
_chem_comp.type 
_chem_comp.mon_nstd_flag 
_chem_comp.name 
_chem_comp.pdbx_synonyms 
_chem_comp.formula 
_chem_comp.formula_weight 
DA  'DNA linking' y "2'-DEOXYADENOSINE-5'-MONOPHOSPHATE"             ? 'C10 H14 N5 O6 P' 331.222 
DC  'DNA linking' y "2'-DEOXYCYTIDINE-5'-MONOPHOSPHATE"              ? 'C9 H14 N3 O7 P'  307.197 
DG  'DNA linking' y "2'-DEOXYGUANOSINE-5'-MONOPHOSPHATE"             ? 'C10 H14 N5 O7 P' 347.221 
DT  'DNA linking' y "THYMIDINE-5'-MONOPHOSPHATE"                     ? 'C10 H15 N2 O8 P' 322.208 
EDC 'DNA linking' . "N3,N4-ETHENO-2'-DEOXYCYTIDINE-5'-MONOPHOSPHATE" 
'6-(2-deoxy-5-O-phosphono-beta-D-erythro-pentofuranosyl)imidazo[1,2-c]pyrimidin-5(6H)-one' 'C11 H14 N3 O7 P' 331.219 
# 
loop_
_pdbx_poly_seq_scheme.asym_id 
_pdbx_poly_seq_scheme.entity_id 
_pdbx_poly_seq_scheme.seq_id 
_pdbx_poly_seq_scheme.mon_id 
_pdbx_poly_seq_scheme.ndb_seq_num 
_pdbx_poly_seq_scheme.pdb_seq_num 
_pdbx_poly_seq_scheme.auth_seq_num 
_pdbx_poly_seq_scheme.pdb_mon_id 
_pdbx_poly_seq_scheme.auth_mon_id 
_pdbx_poly_seq_scheme.pdb_strand_id 
_pdbx_poly_seq_scheme.pdb_ins_code 
_pdbx_poly_seq_scheme.hetero 
A 1 1  DC  1  1  1  DC  C   A . n 
A 1 2  DG  2  2  2  DG  G   A . n 
A 1 3  DT  3  3  3  DT  T   A . n 
A 1 4  DA  4  4  4  DA  A   A . n 
A 1 5  DC  5  5  5  DC  C   A . n 
A 1 6  EDC 6  6  6  EDC EDC A . n 
A 1 7  DC  7  7  7  DC  C   A . n 
A 1 8  DA  8  8  8  DA  A   A . n 
A 1 9  DT  9  9  9  DT  T   A . n 
A 1 10 DG  10 10 10 DG  G   A . n 
A 1 11 DC  11 11 11 DC  C   A . n 
B 2 1  DG  1  1  1  DG  G   B . n 
B 2 2  DC  2  2  2  DC  C   B . n 
B 2 3  DA  3  3  3  DA  A   B . n 
B 2 4  DT  4  4  4  DT  T   B . n 
B 2 5  DG  5  5  5  DG  G   B . n 
B 2 6  DC  6  6  6  DC  C   B . n 
B 2 7  DG  7  7  7  DG  G   B . n 
B 2 8  DT  8  8  8  DT  T   B . n 
B 2 9  DA  9  9  9  DA  A   B . n 
B 2 10 DC  10 10 10 DC  C   B . n 
B 2 11 DG  11 11 11 DG  G   B . n 
# 
_cell.entry_id           1B60 
_cell.length_a           1.000 
_cell.length_b           1.000 
_cell.length_c           1.000 
_cell.angle_alpha        90.00 
_cell.angle_beta         90.00 
_cell.angle_gamma        90.00 
_cell.Z_PDB              1 
_cell.pdbx_unique_axis   ? 
# 
_symmetry.entry_id                         1B60 
_symmetry.space_group_name_H-M             'P 1' 
_symmetry.pdbx_full_space_group_name_H-M   ? 
_symmetry.cell_setting                     ? 
_symmetry.Int_Tables_number                1 
# 
_exptl.entry_id          1B60 
_exptl.method            'SOLUTION NMR' 
_exptl.crystals_number   ? 
# 
_struct.entry_id                  1B60 
_struct.title                     
;3,N4-ETHENO-2'-DEOXYCYTIDINE OPPOSITE CYTIDINE IN AN 11-MER DUPLEX, SOLUTION STRUCTURE FROM NMR AND MOLECULAR DYNAMICS
;
_struct.pdbx_model_details        ? 
_struct.pdbx_CASP_flag            ? 
_struct.pdbx_model_type_details   ? 
# 
_struct_keywords.entry_id        1B60 
_struct_keywords.pdbx_keywords   DNA 
_struct_keywords.text            'ETHENODC, EDC, EXOCYCLIC LESION, DNA' 
# 
loop_
_struct_asym.id 
_struct_asym.pdbx_blank_PDB_chainid_flag 
_struct_asym.pdbx_modified 
_struct_asym.entity_id 
_struct_asym.details 
A N N 1 ? 
B N N 2 ? 
# 
loop_
_struct_ref.id 
_struct_ref.entity_id 
_struct_ref.db_name 
_struct_ref.db_code 
_struct_ref.pdbx_db_accession 
_struct_ref.pdbx_align_begin 
_struct_ref.pdbx_seq_one_letter_code 
_struct_ref.pdbx_db_isoform 
1 1 PDB 1B60 1B60 ? ? ? 
2 2 PDB 1B60 1B60 ? ? ? 
# 
loop_
_struct_ref_seq.align_id 
_struct_ref_seq.ref_id 
_struct_ref_seq.pdbx_PDB_id_code 
_struct_ref_seq.pdbx_strand_id 
_struct_ref_seq.seq_align_beg 
_struct_ref_seq.pdbx_seq_align_beg_ins_code 
_struct_ref_seq.seq_align_end 
_struct_ref_seq.pdbx_seq_align_end_ins_code 
_struct_ref_seq.pdbx_db_accession 
_struct_ref_seq.db_align_beg 
_struct_ref_seq.pdbx_db_align_beg_ins_code 
_struct_ref_seq.db_align_end 
_struct_ref_seq.pdbx_db_align_end_ins_code 
_struct_ref_seq.pdbx_auth_seq_align_beg 
_struct_ref_seq.pdbx_auth_seq_align_end 
1 1 1B60 A 1 ? 11 ? 1B60 1 ? 11 ? 1 11 
2 2 1B60 B 1 ? 11 ? 1B60 1 ? 11 ? 1 11 
# 
_pdbx_struct_assembly.id                   1 
_pdbx_struct_assembly.details              author_defined_assembly 
_pdbx_struct_assembly.method_details       ? 
_pdbx_struct_assembly.oligomeric_details   dimeric 
_pdbx_struct_assembly.oligomeric_count     2 
# 
_pdbx_struct_assembly_gen.assembly_id       1 
_pdbx_struct_assembly_gen.oper_expression   1 
_pdbx_struct_assembly_gen.asym_id_list      A,B 
# 
_pdbx_struct_oper_list.id                   1 
_pdbx_struct_oper_list.type                 'identity operation' 
_pdbx_struct_oper_list.name                 1_555 
_pdbx_struct_oper_list.symmetry_operation   x,y,z 
_pdbx_struct_oper_list.matrix[1][1]         1.0000000000 
_pdbx_struct_oper_list.matrix[1][2]         0.0000000000 
_pdbx_struct_oper_list.matrix[1][3]         0.0000000000 
_pdbx_struct_oper_list.vector[1]            0.0000000000 
_pdbx_struct_oper_list.matrix[2][1]         0.0000000000 
_pdbx_struct_oper_list.matrix[2][2]         1.0000000000 
_pdbx_struct_oper_list.matrix[2][3]         0.0000000000 
_pdbx_struct_oper_list.vector[2]            0.0000000000 
_pdbx_struct_oper_list.matrix[3][1]         0.0000000000 
_pdbx_struct_oper_list.matrix[3][2]         0.0000000000 
_pdbx_struct_oper_list.matrix[3][3]         1.0000000000 
_pdbx_struct_oper_list.vector[3]            0.0000000000 
# 
_struct_biol.id        1 
_struct_biol.details   ? 
# 
loop_
_struct_conn.id 
_struct_conn.conn_type_id 
_struct_conn.pdbx_leaving_atom_flag 
_struct_conn.pdbx_PDB_id 
_struct_conn.ptnr1_label_asym_id 
_struct_conn.ptnr1_label_comp_id 
_struct_conn.ptnr1_label_seq_id 
_struct_conn.ptnr1_label_atom_id 
_struct_conn.pdbx_ptnr1_label_alt_id 
_struct_conn.pdbx_ptnr1_PDB_ins_code 
_struct_conn.pdbx_ptnr1_standard_comp_id 
_struct_conn.ptnr1_symmetry 
_struct_conn.ptnr2_label_asym_id 
_struct_conn.ptnr2_label_comp_id 
_struct_conn.ptnr2_label_seq_id 
_struct_conn.ptnr2_label_atom_id 
_struct_conn.pdbx_ptnr2_label_alt_id 
_struct_conn.pdbx_ptnr2_PDB_ins_code 
_struct_conn.ptnr1_auth_asym_id 
_struct_conn.ptnr1_auth_comp_id 
_struct_conn.ptnr1_auth_seq_id 
_struct_conn.ptnr2_auth_asym_id 
_struct_conn.ptnr2_auth_comp_id 
_struct_conn.ptnr2_auth_seq_id 
_struct_conn.ptnr2_symmetry 
_struct_conn.pdbx_ptnr3_label_atom_id 
_struct_conn.pdbx_ptnr3_label_seq_id 
_struct_conn.pdbx_ptnr3_label_comp_id 
_struct_conn.pdbx_ptnr3_label_asym_id 
_struct_conn.pdbx_ptnr3_label_alt_id 
_struct_conn.pdbx_ptnr3_PDB_ins_code 
_struct_conn.details 
_struct_conn.pdbx_dist_value 
_struct_conn.pdbx_value_order 
_struct_conn.pdbx_role 
covale1  covale both ? A DC  5  "O3'" ? ? ? 1_555 A EDC 6  P  ? ? A DC  5  A EDC 6  1_555 ? ? ? ? ? ? ?            1.620 ? ? 
covale2  covale both ? A EDC 6  "O3'" ? ? ? 1_555 A DC  7  P  ? ? A EDC 6  A DC  7  1_555 ? ? ? ? ? ? ?            1.617 ? ? 
hydrog1  hydrog ?    ? A DC  1  N3    ? ? ? 1_555 B DG  11 N1 ? ? A DC  1  B DG  11 1_555 ? ? ? ? ? ? WATSON-CRICK ?     ? ? 
hydrog2  hydrog ?    ? A DC  1  N4    ? ? ? 1_555 B DG  11 O6 ? ? A DC  1  B DG  11 1_555 ? ? ? ? ? ? WATSON-CRICK ?     ? ? 
hydrog3  hydrog ?    ? A DC  1  O2    ? ? ? 1_555 B DG  11 N2 ? ? A DC  1  B DG  11 1_555 ? ? ? ? ? ? WATSON-CRICK ?     ? ? 
hydrog4  hydrog ?    ? A DG  2  N1    ? ? ? 1_555 B DC  10 N3 ? ? A DG  2  B DC  10 1_555 ? ? ? ? ? ? WATSON-CRICK ?     ? ? 
hydrog5  hydrog ?    ? A DG  2  N2    ? ? ? 1_555 B DC  10 O2 ? ? A DG  2  B DC  10 1_555 ? ? ? ? ? ? WATSON-CRICK ?     ? ? 
hydrog6  hydrog ?    ? A DG  2  O6    ? ? ? 1_555 B DC  10 N4 ? ? A DG  2  B DC  10 1_555 ? ? ? ? ? ? WATSON-CRICK ?     ? ? 
hydrog7  hydrog ?    ? A DT  3  N3    ? ? ? 1_555 B DA  9  N1 ? ? A DT  3  B DA  9  1_555 ? ? ? ? ? ? WATSON-CRICK ?     ? ? 
hydrog8  hydrog ?    ? A DT  3  O4    ? ? ? 1_555 B DA  9  N6 ? ? A DT  3  B DA  9  1_555 ? ? ? ? ? ? WATSON-CRICK ?     ? ? 
hydrog9  hydrog ?    ? A DA  4  N1    ? ? ? 1_555 B DT  8  N3 ? ? A DA  4  B DT  8  1_555 ? ? ? ? ? ? WATSON-CRICK ?     ? ? 
hydrog10 hydrog ?    ? A DA  4  N6    ? ? ? 1_555 B DT  8  O4 ? ? A DA  4  B DT  8  1_555 ? ? ? ? ? ? WATSON-CRICK ?     ? ? 
hydrog11 hydrog ?    ? A DC  5  N3    ? ? ? 1_555 B DG  7  N1 ? ? A DC  5  B DG  7  1_555 ? ? ? ? ? ? WATSON-CRICK ?     ? ? 
hydrog12 hydrog ?    ? A DC  5  N4    ? ? ? 1_555 B DG  7  O6 ? ? A DC  5  B DG  7  1_555 ? ? ? ? ? ? WATSON-CRICK ?     ? ? 
hydrog13 hydrog ?    ? A DC  5  O2    ? ? ? 1_555 B DG  7  N2 ? ? A DC  5  B DG  7  1_555 ? ? ? ? ? ? WATSON-CRICK ?     ? ? 
hydrog14 hydrog ?    ? A DC  7  N3    ? ? ? 1_555 B DG  5  N1 ? ? A DC  7  B DG  5  1_555 ? ? ? ? ? ? WATSON-CRICK ?     ? ? 
hydrog15 hydrog ?    ? A DC  7  N4    ? ? ? 1_555 B DG  5  O6 ? ? A DC  7  B DG  5  1_555 ? ? ? ? ? ? WATSON-CRICK ?     ? ? 
hydrog16 hydrog ?    ? A DC  7  O2    ? ? ? 1_555 B DG  5  N2 ? ? A DC  7  B DG  5  1_555 ? ? ? ? ? ? WATSON-CRICK ?     ? ? 
hydrog17 hydrog ?    ? A DA  8  N1    ? ? ? 1_555 B DT  4  N3 ? ? A DA  8  B DT  4  1_555 ? ? ? ? ? ? WATSON-CRICK ?     ? ? 
hydrog18 hydrog ?    ? A DA  8  N6    ? ? ? 1_555 B DT  4  O4 ? ? A DA  8  B DT  4  1_555 ? ? ? ? ? ? WATSON-CRICK ?     ? ? 
hydrog19 hydrog ?    ? A DT  9  N3    ? ? ? 1_555 B DA  3  N1 ? ? A DT  9  B DA  3  1_555 ? ? ? ? ? ? WATSON-CRICK ?     ? ? 
hydrog20 hydrog ?    ? A DT  9  O4    ? ? ? 1_555 B DA  3  N6 ? ? A DT  9  B DA  3  1_555 ? ? ? ? ? ? WATSON-CRICK ?     ? ? 
hydrog21 hydrog ?    ? A DG  10 N1    ? ? ? 1_555 B DC  2  N3 ? ? A DG  10 B DC  2  1_555 ? ? ? ? ? ? WATSON-CRICK ?     ? ? 
hydrog22 hydrog ?    ? A DG  10 N2    ? ? ? 1_555 B DC  2  O2 ? ? A DG  10 B DC  2  1_555 ? ? ? ? ? ? WATSON-CRICK ?     ? ? 
hydrog23 hydrog ?    ? A DG  10 O6    ? ? ? 1_555 B DC  2  N4 ? ? A DG  10 B DC  2  1_555 ? ? ? ? ? ? WATSON-CRICK ?     ? ? 
hydrog24 hydrog ?    ? A DC  11 N3    ? ? ? 1_555 B DG  1  N1 ? ? A DC  11 B DG  1  1_555 ? ? ? ? ? ? WATSON-CRICK ?     ? ? 
hydrog25 hydrog ?    ? A DC  11 N4    ? ? ? 1_555 B DG  1  O6 ? ? A DC  11 B DG  1  1_555 ? ? ? ? ? ? WATSON-CRICK ?     ? ? 
hydrog26 hydrog ?    ? A DC  11 O2    ? ? ? 1_555 B DG  1  N2 ? ? A DC  11 B DG  1  1_555 ? ? ? ? ? ? WATSON-CRICK ?     ? ? 
# 
loop_
_struct_conn_type.id 
_struct_conn_type.criteria 
_struct_conn_type.reference 
covale ? ? 
hydrog ? ? 
# 
loop_
_pdbx_validate_rmsd_bond.id 
_pdbx_validate_rmsd_bond.PDB_model_num 
_pdbx_validate_rmsd_bond.auth_atom_id_1 
_pdbx_validate_rmsd_bond.auth_asym_id_1 
_pdbx_validate_rmsd_bond.auth_comp_id_1 
_pdbx_validate_rmsd_bond.auth_seq_id_1 
_pdbx_validate_rmsd_bond.PDB_ins_code_1 
_pdbx_validate_rmsd_bond.label_alt_id_1 
_pdbx_validate_rmsd_bond.auth_atom_id_2 
_pdbx_validate_rmsd_bond.auth_asym_id_2 
_pdbx_validate_rmsd_bond.auth_comp_id_2 
_pdbx_validate_rmsd_bond.auth_seq_id_2 
_pdbx_validate_rmsd_bond.PDB_ins_code_2 
_pdbx_validate_rmsd_bond.label_alt_id_2 
_pdbx_validate_rmsd_bond.bond_value 
_pdbx_validate_rmsd_bond.bond_target_value 
_pdbx_validate_rmsd_bond.bond_deviation 
_pdbx_validate_rmsd_bond.bond_standard_deviation 
_pdbx_validate_rmsd_bond.linker_flag 
1  1 C4 A DC 1  ? ? N4 A DC 1  ? ? 1.429 1.335 0.094 0.009 N 
2  1 C2 A DG 2  ? ? N2 A DG 2  ? ? 1.421 1.341 0.080 0.010 N 
3  1 C6 A DA 4  ? ? N6 A DA 4  ? ? 1.428 1.335 0.093 0.008 N 
4  1 C4 A DC 5  ? ? N4 A DC 5  ? ? 1.430 1.335 0.095 0.009 N 
5  1 C4 A DC 7  ? ? N4 A DC 7  ? ? 1.429 1.335 0.094 0.009 N 
6  1 C6 A DA 8  ? ? N6 A DA 8  ? ? 1.428 1.335 0.093 0.008 N 
7  1 C2 A DG 10 ? ? N2 A DG 10 ? ? 1.424 1.341 0.083 0.010 N 
8  1 C4 A DC 11 ? ? N4 A DC 11 ? ? 1.430 1.335 0.095 0.009 N 
9  1 C2 B DG 1  ? ? N2 B DG 1  ? ? 1.420 1.341 0.079 0.010 N 
10 1 C4 B DC 2  ? ? N4 B DC 2  ? ? 1.430 1.335 0.095 0.009 N 
11 1 C6 B DA 3  ? ? N6 B DA 3  ? ? 1.428 1.335 0.093 0.008 N 
12 1 C2 B DG 5  ? ? N2 B DG 5  ? ? 1.423 1.341 0.082 0.010 N 
13 1 C4 B DC 6  ? ? N4 B DC 6  ? ? 1.423 1.335 0.088 0.009 N 
14 1 C2 B DG 7  ? ? N2 B DG 7  ? ? 1.423 1.341 0.082 0.010 N 
15 1 C5 B DT 8  ? ? C7 B DT 8  ? ? 1.532 1.496 0.036 0.006 N 
16 1 C6 B DA 9  ? ? N6 B DA 9  ? ? 1.428 1.335 0.093 0.008 N 
17 1 C4 B DC 10 ? ? N4 B DC 10 ? ? 1.430 1.335 0.095 0.009 N 
18 1 C2 B DG 11 ? ? N2 B DG 11 ? ? 1.425 1.341 0.084 0.010 N 
# 
loop_
_pdbx_validate_rmsd_angle.id 
_pdbx_validate_rmsd_angle.PDB_model_num 
_pdbx_validate_rmsd_angle.auth_atom_id_1 
_pdbx_validate_rmsd_angle.auth_asym_id_1 
_pdbx_validate_rmsd_angle.auth_comp_id_1 
_pdbx_validate_rmsd_angle.auth_seq_id_1 
_pdbx_validate_rmsd_angle.PDB_ins_code_1 
_pdbx_validate_rmsd_angle.label_alt_id_1 
_pdbx_validate_rmsd_angle.auth_atom_id_2 
_pdbx_validate_rmsd_angle.auth_asym_id_2 
_pdbx_validate_rmsd_angle.auth_comp_id_2 
_pdbx_validate_rmsd_angle.auth_seq_id_2 
_pdbx_validate_rmsd_angle.PDB_ins_code_2 
_pdbx_validate_rmsd_angle.label_alt_id_2 
_pdbx_validate_rmsd_angle.auth_atom_id_3 
_pdbx_validate_rmsd_angle.auth_asym_id_3 
_pdbx_validate_rmsd_angle.auth_comp_id_3 
_pdbx_validate_rmsd_angle.auth_seq_id_3 
_pdbx_validate_rmsd_angle.PDB_ins_code_3 
_pdbx_validate_rmsd_angle.label_alt_id_3 
_pdbx_validate_rmsd_angle.angle_value 
_pdbx_validate_rmsd_angle.angle_target_value 
_pdbx_validate_rmsd_angle.angle_deviation 
_pdbx_validate_rmsd_angle.angle_standard_deviation 
_pdbx_validate_rmsd_angle.linker_flag 
1  1 "O4'" A DC 1  ? ? "C1'" A DC 1  ? ? N1    A DC 1  ? ? 110.71 108.30 2.41  0.30 N 
2  1 N7    A DG 2  ? ? C8    A DG 2  ? ? N9    A DG 2  ? ? 116.34 113.10 3.24  0.50 N 
3  1 "O4'" A DT 3  ? ? "C1'" A DT 3  ? ? N1    A DT 3  ? ? 110.18 108.30 1.88  0.30 N 
4  1 C6    A DT 3  ? ? C5    A DT 3  ? ? C7    A DT 3  ? ? 119.28 122.90 -3.62 0.60 N 
5  1 "O4'" A DT 9  ? ? "C1'" A DT 9  ? ? N1    A DT 9  ? ? 110.31 108.30 2.01  0.30 N 
6  1 C6    A DT 9  ? ? C5    A DT 9  ? ? C7    A DT 9  ? ? 119.30 122.90 -3.60 0.60 N 
7  1 N7    A DG 10 ? ? C8    A DG 10 ? ? N9    A DG 10 ? ? 116.35 113.10 3.25  0.50 N 
8  1 "O4'" A DC 11 ? ? "C1'" A DC 11 ? ? N1    A DC 11 ? ? 115.22 108.30 6.92  0.30 N 
9  1 "O4'" B DG 1  ? ? "C1'" B DG 1  ? ? N9    B DG 1  ? ? 111.01 108.30 2.71  0.30 N 
10 1 N7    B DG 1  ? ? C8    B DG 1  ? ? N9    B DG 1  ? ? 116.28 113.10 3.18  0.50 N 
11 1 "O4'" B DT 4  ? ? "C1'" B DT 4  ? ? N1    B DT 4  ? ? 111.14 108.30 2.84  0.30 N 
12 1 C6    B DT 4  ? ? C5    B DT 4  ? ? C7    B DT 4  ? ? 119.16 122.90 -3.74 0.60 N 
13 1 N7    B DG 5  ? ? C8    B DG 5  ? ? N9    B DG 5  ? ? 116.17 113.10 3.07  0.50 N 
14 1 "O4'" B DC 6  ? ? "C1'" B DC 6  ? ? N1    B DC 6  ? ? 112.39 108.30 4.09  0.30 N 
15 1 "O4'" B DG 7  ? ? "C1'" B DG 7  ? ? "C2'" B DG 7  ? ? 100.65 105.90 -5.25 0.80 N 
16 1 N7    B DG 7  ? ? C8    B DG 7  ? ? N9    B DG 7  ? ? 116.45 113.10 3.35  0.50 N 
17 1 C8    B DG 7  ? ? N9    B DG 7  ? ? C4    B DG 7  ? ? 103.90 106.40 -2.50 0.40 N 
18 1 "O4'" B DT 8  ? ? "C1'" B DT 8  ? ? N1    B DT 8  ? ? 110.45 108.30 2.15  0.30 N 
19 1 "O4'" B DC 10 ? ? "C1'" B DC 10 ? ? N1    B DC 10 ? ? 110.26 108.30 1.96  0.30 N 
20 1 N7    B DG 11 ? ? C8    B DG 11 ? ? N9    B DG 11 ? ? 116.20 113.10 3.10  0.50 N 
# 
_pdbx_nmr_ensemble.entry_id                                      1B60 
_pdbx_nmr_ensemble.conformers_calculated_total_number            1 
_pdbx_nmr_ensemble.conformers_submitted_total_number             1 
_pdbx_nmr_ensemble.conformer_selection_criteria                  'SEE DETAILS' 
_pdbx_nmr_ensemble.average_constraints_per_residue               ? 
_pdbx_nmr_ensemble.average_constraint_violations_per_residue     ? 
_pdbx_nmr_ensemble.maximum_distance_constraint_violation         ? 
_pdbx_nmr_ensemble.average_distance_constraint_violation         ? 
_pdbx_nmr_ensemble.maximum_upper_distance_constraint_violation   ? 
_pdbx_nmr_ensemble.maximum_lower_distance_constraint_violation   ? 
_pdbx_nmr_ensemble.distance_constraint_violation_method          ? 
_pdbx_nmr_ensemble.maximum_torsion_angle_constraint_violation    ? 
_pdbx_nmr_ensemble.average_torsion_angle_constraint_violation    ? 
_pdbx_nmr_ensemble.torsion_angle_constraint_violation_method     ? 
# 
_pdbx_nmr_exptl_sample_conditions.conditions_id       1 
_pdbx_nmr_exptl_sample_conditions.temperature         288 
_pdbx_nmr_exptl_sample_conditions.pressure            ? 
_pdbx_nmr_exptl_sample_conditions.pH                  6.8 
_pdbx_nmr_exptl_sample_conditions.ionic_strength      ? 
_pdbx_nmr_exptl_sample_conditions.pressure_units      ? 
_pdbx_nmr_exptl_sample_conditions.temperature_units   K 
# 
loop_
_pdbx_nmr_exptl.experiment_id 
_pdbx_nmr_exptl.conditions_id 
_pdbx_nmr_exptl.type 
_pdbx_nmr_exptl.solution_id 
1 1 NOESY    1 
2 1 COSY     1 
3 1 DQF-COSY 1 
4 1 COSY45   1 
5 1 TOCSY    1 
6 1 HETCORR  1 
# 
_pdbx_nmr_details.entry_id   1B60 
_pdbx_nmr_details.text       
;SEE DETAILS. THE STRUCTURE WAS DETERMINED USING 2D PROTON NMR FOLLOWED BY 
DISTANCE RESTRAINED MOLECULAR DYNAMICS SIMULATIONS, AND FURTHER REFINED USING 
THE FULL RELAXATION MATRIX BACK CALCULATION APPROACH. 15 STRUCTURES EACH WERE 
DETERMINED FROM A- AND B-FORM DNA BY USING DIFFERENT INITIAL TEMPERATURES AND 
DIFFERENT LENGTHS OF TIME AT THE HIGH TEMPERATURE STAGE OF THE 30 STRUCTURES 
FROM DISTANCE RESTRAINED DYNAMICS, 27 HAD AN RMSD TO THEIR AVERAGE OF LESS 
THAN 0.4 A, SO THE AVERAGE OF THESE 27 WAS USED AS THE STARTING STRUCTURE FOR 
FULL RELAXATION MATRIX BACK CALCULATIONS. THE MINIMIZED AVERAGE STRUCTURE FROM 
THIS LAST STEP IS WHAT HAS BEEN DEPOSITED.
;
# 
_pdbx_nmr_refine.entry_id           1B60 
_pdbx_nmr_refine.method             'RESTRAINED MOLECULAR DYNAMICS SIMULATIONS' 
_pdbx_nmr_refine.details            'REFINEMENT DETAILS CAN BE FOUND IN THE JRNL CITATION ABOVE.' 
_pdbx_nmr_refine.software_ordinal   1 
# 
loop_
_pdbx_nmr_software.classification 
_pdbx_nmr_software.name 
_pdbx_nmr_software.version 
_pdbx_nmr_software.authors 
_pdbx_nmr_software.ordinal 
refinement           X-PLOR 3.851 BRUNGER 1 
'structure solution' Felix  ?     ?       2 
'structure solution' X-PLOR ?     ?       3 
# 
loop_
_chem_comp_atom.comp_id 
_chem_comp_atom.atom_id 
_chem_comp_atom.type_symbol 
_chem_comp_atom.pdbx_aromatic_flag 
_chem_comp_atom.pdbx_stereo_config 
_chem_comp_atom.pdbx_ordinal 
DA  OP3    O N N 1   
DA  P      P N N 2   
DA  OP1    O N N 3   
DA  OP2    O N N 4   
DA  "O5'"  O N N 5   
DA  "C5'"  C N N 6   
DA  "C4'"  C N R 7   
DA  "O4'"  O N N 8   
DA  "C3'"  C N S 9   
DA  "O3'"  O N N 10  
DA  "C2'"  C N N 11  
DA  "C1'"  C N R 12  
DA  N9     N Y N 13  
DA  C8     C Y N 14  
DA  N7     N Y N 15  
DA  C5     C Y N 16  
DA  C6     C Y N 17  
DA  N6     N N N 18  
DA  N1     N Y N 19  
DA  C2     C Y N 20  
DA  N3     N Y N 21  
DA  C4     C Y N 22  
DA  HOP3   H N N 23  
DA  HOP2   H N N 24  
DA  "H5'"  H N N 25  
DA  "H5''" H N N 26  
DA  "H4'"  H N N 27  
DA  "H3'"  H N N 28  
DA  "HO3'" H N N 29  
DA  "H2'"  H N N 30  
DA  "H2''" H N N 31  
DA  "H1'"  H N N 32  
DA  H8     H N N 33  
DA  H61    H N N 34  
DA  H62    H N N 35  
DA  H2     H N N 36  
DC  OP3    O N N 37  
DC  P      P N N 38  
DC  OP1    O N N 39  
DC  OP2    O N N 40  
DC  "O5'"  O N N 41  
DC  "C5'"  C N N 42  
DC  "C4'"  C N R 43  
DC  "O4'"  O N N 44  
DC  "C3'"  C N S 45  
DC  "O3'"  O N N 46  
DC  "C2'"  C N N 47  
DC  "C1'"  C N R 48  
DC  N1     N N N 49  
DC  C2     C N N 50  
DC  O2     O N N 51  
DC  N3     N N N 52  
DC  C4     C N N 53  
DC  N4     N N N 54  
DC  C5     C N N 55  
DC  C6     C N N 56  
DC  HOP3   H N N 57  
DC  HOP2   H N N 58  
DC  "H5'"  H N N 59  
DC  "H5''" H N N 60  
DC  "H4'"  H N N 61  
DC  "H3'"  H N N 62  
DC  "HO3'" H N N 63  
DC  "H2'"  H N N 64  
DC  "H2''" H N N 65  
DC  "H1'"  H N N 66  
DC  H41    H N N 67  
DC  H42    H N N 68  
DC  H5     H N N 69  
DC  H6     H N N 70  
DG  OP3    O N N 71  
DG  P      P N N 72  
DG  OP1    O N N 73  
DG  OP2    O N N 74  
DG  "O5'"  O N N 75  
DG  "C5'"  C N N 76  
DG  "C4'"  C N R 77  
DG  "O4'"  O N N 78  
DG  "C3'"  C N S 79  
DG  "O3'"  O N N 80  
DG  "C2'"  C N N 81  
DG  "C1'"  C N R 82  
DG  N9     N Y N 83  
DG  C8     C Y N 84  
DG  N7     N Y N 85  
DG  C5     C Y N 86  
DG  C6     C N N 87  
DG  O6     O N N 88  
DG  N1     N N N 89  
DG  C2     C N N 90  
DG  N2     N N N 91  
DG  N3     N N N 92  
DG  C4     C Y N 93  
DG  HOP3   H N N 94  
DG  HOP2   H N N 95  
DG  "H5'"  H N N 96  
DG  "H5''" H N N 97  
DG  "H4'"  H N N 98  
DG  "H3'"  H N N 99  
DG  "HO3'" H N N 100 
DG  "H2'"  H N N 101 
DG  "H2''" H N N 102 
DG  "H1'"  H N N 103 
DG  H8     H N N 104 
DG  H1     H N N 105 
DG  H21    H N N 106 
DG  H22    H N N 107 
DT  OP3    O N N 108 
DT  P      P N N 109 
DT  OP1    O N N 110 
DT  OP2    O N N 111 
DT  "O5'"  O N N 112 
DT  "C5'"  C N N 113 
DT  "C4'"  C N R 114 
DT  "O4'"  O N N 115 
DT  "C3'"  C N S 116 
DT  "O3'"  O N N 117 
DT  "C2'"  C N N 118 
DT  "C1'"  C N R 119 
DT  N1     N N N 120 
DT  C2     C N N 121 
DT  O2     O N N 122 
DT  N3     N N N 123 
DT  C4     C N N 124 
DT  O4     O N N 125 
DT  C5     C N N 126 
DT  C7     C N N 127 
DT  C6     C N N 128 
DT  HOP3   H N N 129 
DT  HOP2   H N N 130 
DT  "H5'"  H N N 131 
DT  "H5''" H N N 132 
DT  "H4'"  H N N 133 
DT  "H3'"  H N N 134 
DT  "HO3'" H N N 135 
DT  "H2'"  H N N 136 
DT  "H2''" H N N 137 
DT  "H1'"  H N N 138 
DT  H3     H N N 139 
DT  H71    H N N 140 
DT  H72    H N N 141 
DT  H73    H N N 142 
DT  H6     H N N 143 
EDC OP3    O N N 144 
EDC P      P N N 145 
EDC N1     N N N 146 
EDC C2     C N N 147 
EDC O2     O N N 148 
EDC N3     N Y N 149 
EDC C4     C Y N 150 
EDC N4     N Y N 151 
EDC C5     C N N 152 
EDC C6     C N N 153 
EDC C7     C Y N 154 
EDC C8     C Y N 155 
EDC "C1'"  C N R 156 
EDC "C2'"  C N N 157 
EDC "C3'"  C N S 158 
EDC "O3'"  O N N 159 
EDC "C4'"  C N R 160 
EDC "O4'"  O N N 161 
EDC "C5'"  C N N 162 
EDC "O5'"  O N N 163 
EDC OP1    O N N 164 
EDC OP2    O N N 165 
EDC HOP3   H N N 166 
EDC H5     H N N 167 
EDC H6     H N N 168 
EDC H7     H N N 169 
EDC H8     H N N 170 
EDC "H1'"  H N N 171 
EDC "H2'"  H N N 172 
EDC "H2''" H N N 173 
EDC "H3'"  H N N 174 
EDC "HO3'" H N N 175 
EDC "H4'"  H N N 176 
EDC "H5'"  H N N 177 
EDC "H5''" H N N 178 
EDC HOP2   H N N 179 
# 
loop_
_chem_comp_bond.comp_id 
_chem_comp_bond.atom_id_1 
_chem_comp_bond.atom_id_2 
_chem_comp_bond.value_order 
_chem_comp_bond.pdbx_aromatic_flag 
_chem_comp_bond.pdbx_stereo_config 
_chem_comp_bond.pdbx_ordinal 
DA  OP3   P      sing N N 1   
DA  OP3   HOP3   sing N N 2   
DA  P     OP1    doub N N 3   
DA  P     OP2    sing N N 4   
DA  P     "O5'"  sing N N 5   
DA  OP2   HOP2   sing N N 6   
DA  "O5'" "C5'"  sing N N 7   
DA  "C5'" "C4'"  sing N N 8   
DA  "C5'" "H5'"  sing N N 9   
DA  "C5'" "H5''" sing N N 10  
DA  "C4'" "O4'"  sing N N 11  
DA  "C4'" "C3'"  sing N N 12  
DA  "C4'" "H4'"  sing N N 13  
DA  "O4'" "C1'"  sing N N 14  
DA  "C3'" "O3'"  sing N N 15  
DA  "C3'" "C2'"  sing N N 16  
DA  "C3'" "H3'"  sing N N 17  
DA  "O3'" "HO3'" sing N N 18  
DA  "C2'" "C1'"  sing N N 19  
DA  "C2'" "H2'"  sing N N 20  
DA  "C2'" "H2''" sing N N 21  
DA  "C1'" N9     sing N N 22  
DA  "C1'" "H1'"  sing N N 23  
DA  N9    C8     sing Y N 24  
DA  N9    C4     sing Y N 25  
DA  C8    N7     doub Y N 26  
DA  C8    H8     sing N N 27  
DA  N7    C5     sing Y N 28  
DA  C5    C6     sing Y N 29  
DA  C5    C4     doub Y N 30  
DA  C6    N6     sing N N 31  
DA  C6    N1     doub Y N 32  
DA  N6    H61    sing N N 33  
DA  N6    H62    sing N N 34  
DA  N1    C2     sing Y N 35  
DA  C2    N3     doub Y N 36  
DA  C2    H2     sing N N 37  
DA  N3    C4     sing Y N 38  
DC  OP3   P      sing N N 39  
DC  OP3   HOP3   sing N N 40  
DC  P     OP1    doub N N 41  
DC  P     OP2    sing N N 42  
DC  P     "O5'"  sing N N 43  
DC  OP2   HOP2   sing N N 44  
DC  "O5'" "C5'"  sing N N 45  
DC  "C5'" "C4'"  sing N N 46  
DC  "C5'" "H5'"  sing N N 47  
DC  "C5'" "H5''" sing N N 48  
DC  "C4'" "O4'"  sing N N 49  
DC  "C4'" "C3'"  sing N N 50  
DC  "C4'" "H4'"  sing N N 51  
DC  "O4'" "C1'"  sing N N 52  
DC  "C3'" "O3'"  sing N N 53  
DC  "C3'" "C2'"  sing N N 54  
DC  "C3'" "H3'"  sing N N 55  
DC  "O3'" "HO3'" sing N N 56  
DC  "C2'" "C1'"  sing N N 57  
DC  "C2'" "H2'"  sing N N 58  
DC  "C2'" "H2''" sing N N 59  
DC  "C1'" N1     sing N N 60  
DC  "C1'" "H1'"  sing N N 61  
DC  N1    C2     sing N N 62  
DC  N1    C6     sing N N 63  
DC  C2    O2     doub N N 64  
DC  C2    N3     sing N N 65  
DC  N3    C4     doub N N 66  
DC  C4    N4     sing N N 67  
DC  C4    C5     sing N N 68  
DC  N4    H41    sing N N 69  
DC  N4    H42    sing N N 70  
DC  C5    C6     doub N N 71  
DC  C5    H5     sing N N 72  
DC  C6    H6     sing N N 73  
DG  OP3   P      sing N N 74  
DG  OP3   HOP3   sing N N 75  
DG  P     OP1    doub N N 76  
DG  P     OP2    sing N N 77  
DG  P     "O5'"  sing N N 78  
DG  OP2   HOP2   sing N N 79  
DG  "O5'" "C5'"  sing N N 80  
DG  "C5'" "C4'"  sing N N 81  
DG  "C5'" "H5'"  sing N N 82  
DG  "C5'" "H5''" sing N N 83  
DG  "C4'" "O4'"  sing N N 84  
DG  "C4'" "C3'"  sing N N 85  
DG  "C4'" "H4'"  sing N N 86  
DG  "O4'" "C1'"  sing N N 87  
DG  "C3'" "O3'"  sing N N 88  
DG  "C3'" "C2'"  sing N N 89  
DG  "C3'" "H3'"  sing N N 90  
DG  "O3'" "HO3'" sing N N 91  
DG  "C2'" "C1'"  sing N N 92  
DG  "C2'" "H2'"  sing N N 93  
DG  "C2'" "H2''" sing N N 94  
DG  "C1'" N9     sing N N 95  
DG  "C1'" "H1'"  sing N N 96  
DG  N9    C8     sing Y N 97  
DG  N9    C4     sing Y N 98  
DG  C8    N7     doub Y N 99  
DG  C8    H8     sing N N 100 
DG  N7    C5     sing Y N 101 
DG  C5    C6     sing N N 102 
DG  C5    C4     doub Y N 103 
DG  C6    O6     doub N N 104 
DG  C6    N1     sing N N 105 
DG  N1    C2     sing N N 106 
DG  N1    H1     sing N N 107 
DG  C2    N2     sing N N 108 
DG  C2    N3     doub N N 109 
DG  N2    H21    sing N N 110 
DG  N2    H22    sing N N 111 
DG  N3    C4     sing N N 112 
DT  OP3   P      sing N N 113 
DT  OP3   HOP3   sing N N 114 
DT  P     OP1    doub N N 115 
DT  P     OP2    sing N N 116 
DT  P     "O5'"  sing N N 117 
DT  OP2   HOP2   sing N N 118 
DT  "O5'" "C5'"  sing N N 119 
DT  "C5'" "C4'"  sing N N 120 
DT  "C5'" "H5'"  sing N N 121 
DT  "C5'" "H5''" sing N N 122 
DT  "C4'" "O4'"  sing N N 123 
DT  "C4'" "C3'"  sing N N 124 
DT  "C4'" "H4'"  sing N N 125 
DT  "O4'" "C1'"  sing N N 126 
DT  "C3'" "O3'"  sing N N 127 
DT  "C3'" "C2'"  sing N N 128 
DT  "C3'" "H3'"  sing N N 129 
DT  "O3'" "HO3'" sing N N 130 
DT  "C2'" "C1'"  sing N N 131 
DT  "C2'" "H2'"  sing N N 132 
DT  "C2'" "H2''" sing N N 133 
DT  "C1'" N1     sing N N 134 
DT  "C1'" "H1'"  sing N N 135 
DT  N1    C2     sing N N 136 
DT  N1    C6     sing N N 137 
DT  C2    O2     doub N N 138 
DT  C2    N3     sing N N 139 
DT  N3    C4     sing N N 140 
DT  N3    H3     sing N N 141 
DT  C4    O4     doub N N 142 
DT  C4    C5     sing N N 143 
DT  C5    C7     sing N N 144 
DT  C5    C6     doub N N 145 
DT  C7    H71    sing N N 146 
DT  C7    H72    sing N N 147 
DT  C7    H73    sing N N 148 
DT  C6    H6     sing N N 149 
EDC P     OP3    sing N N 150 
EDC OP3   HOP3   sing N N 151 
EDC OP1   P      doub N N 152 
EDC "O5'" P      sing N N 153 
EDC P     OP2    sing N N 154 
EDC C2    N1     sing N N 155 
EDC N1    "C1'"  sing N N 156 
EDC N1    C6     sing N N 157 
EDC O2    C2     doub N N 158 
EDC N3    C2     sing N N 159 
EDC C8    N3     sing Y N 160 
EDC N3    C4     sing Y N 161 
EDC N4    C4     doub Y N 162 
EDC C4    C5     sing N N 163 
EDC C7    N4     sing Y N 164 
EDC C5    C6     doub N N 165 
EDC C5    H5     sing N N 166 
EDC C6    H6     sing N N 167 
EDC C8    C7     doub Y N 168 
EDC C7    H7     sing N N 169 
EDC C8    H8     sing N N 170 
EDC "C1'" "C2'"  sing N N 171 
EDC "C1'" "O4'"  sing N N 172 
EDC "C1'" "H1'"  sing N N 173 
EDC "C2'" "C3'"  sing N N 174 
EDC "C2'" "H2'"  sing N N 175 
EDC "C2'" "H2''" sing N N 176 
EDC "O3'" "C3'"  sing N N 177 
EDC "C3'" "C4'"  sing N N 178 
EDC "C3'" "H3'"  sing N N 179 
EDC "O3'" "HO3'" sing N N 180 
EDC "O4'" "C4'"  sing N N 181 
EDC "C4'" "C5'"  sing N N 182 
EDC "C4'" "H4'"  sing N N 183 
EDC "O5'" "C5'"  sing N N 184 
EDC "C5'" "H5'"  sing N N 185 
EDC "C5'" "H5''" sing N N 186 
EDC OP2   HOP2   sing N N 187 
# 
loop_
_ndb_struct_conf_na.entry_id 
_ndb_struct_conf_na.feature 
1B60 'double helix'         
1B60 'b-form double helix'  
1B60 'mismatched base pair' 
# 
loop_
_ndb_struct_na_base_pair.model_number 
_ndb_struct_na_base_pair.i_label_asym_id 
_ndb_struct_na_base_pair.i_label_comp_id 
_ndb_struct_na_base_pair.i_label_seq_id 
_ndb_struct_na_base_pair.i_symmetry 
_ndb_struct_na_base_pair.j_label_asym_id 
_ndb_struct_na_base_pair.j_label_comp_id 
_ndb_struct_na_base_pair.j_label_seq_id 
_ndb_struct_na_base_pair.j_symmetry 
_ndb_struct_na_base_pair.shear 
_ndb_struct_na_base_pair.stretch 
_ndb_struct_na_base_pair.stagger 
_ndb_struct_na_base_pair.buckle 
_ndb_struct_na_base_pair.propeller 
_ndb_struct_na_base_pair.opening 
_ndb_struct_na_base_pair.pair_number 
_ndb_struct_na_base_pair.pair_name 
_ndb_struct_na_base_pair.i_auth_asym_id 
_ndb_struct_na_base_pair.i_auth_seq_id 
_ndb_struct_na_base_pair.i_PDB_ins_code 
_ndb_struct_na_base_pair.j_auth_asym_id 
_ndb_struct_na_base_pair.j_auth_seq_id 
_ndb_struct_na_base_pair.j_PDB_ins_code 
_ndb_struct_na_base_pair.hbond_type_28 
_ndb_struct_na_base_pair.hbond_type_12 
1 A DC 1  1_555 B DG 11 1_555 0.627  -0.222 0.003 -0.166 0.027   -1.381 1  A_DC1:DG11_B A 1  ? B 11 ? 19 1 
1 A DG 2  1_555 B DC 10 1_555 -0.723 -0.289 0.230 -3.542 -6.644  -1.323 2  A_DG2:DC10_B A 2  ? B 10 ? 19 1 
1 A DT 3  1_555 B DA 9  1_555 -0.129 -0.183 0.392 -6.804 -11.680 -3.491 3  A_DT3:DA9_B  A 3  ? B 9  ? 20 1 
1 A DA 4  1_555 B DT 8  1_555 0.219  -0.183 0.324 1.082  -13.570 -4.098 4  A_DA4:DT8_B  A 4  ? B 8  ? 20 1 
1 A DC 5  1_555 B DG 7  1_555 0.564  -0.210 0.229 -0.744 -10.490 -1.499 5  A_DC5:DG7_B  A 5  ? B 7  ? 19 1 
1 A DC 7  1_555 B DG 5  1_555 0.693  -0.251 0.217 -6.222 1.281   -1.295 6  A_DC7:DG5_B  A 7  ? B 5  ? 19 1 
1 A DA 8  1_555 B DT 4  1_555 0.075  -0.178 0.253 0.500  -11.318 -2.886 7  A_DA8:DT4_B  A 8  ? B 4  ? 20 1 
1 A DT 9  1_555 B DA 3  1_555 -0.227 -0.179 0.268 2.706  -12.405 -3.612 8  A_DT9:DA3_B  A 9  ? B 3  ? 20 1 
1 A DG 10 1_555 B DC 2  1_555 -0.677 -0.271 0.439 11.650 -3.616  -2.416 9  A_DG10:DC2_B A 10 ? B 2  ? 19 1 
1 A DC 11 1_555 B DG 1  1_555 0.669  -0.228 0.004 0.011  -0.008  -0.638 10 A_DC11:DG1_B A 11 ? B 1  ? 19 1 
# 
loop_
_ndb_struct_na_base_pair_step.model_number 
_ndb_struct_na_base_pair_step.i_label_asym_id_1 
_ndb_struct_na_base_pair_step.i_label_comp_id_1 
_ndb_struct_na_base_pair_step.i_label_seq_id_1 
_ndb_struct_na_base_pair_step.i_symmetry_1 
_ndb_struct_na_base_pair_step.j_label_asym_id_1 
_ndb_struct_na_base_pair_step.j_label_comp_id_1 
_ndb_struct_na_base_pair_step.j_label_seq_id_1 
_ndb_struct_na_base_pair_step.j_symmetry_1 
_ndb_struct_na_base_pair_step.i_label_asym_id_2 
_ndb_struct_na_base_pair_step.i_label_comp_id_2 
_ndb_struct_na_base_pair_step.i_label_seq_id_2 
_ndb_struct_na_base_pair_step.i_symmetry_2 
_ndb_struct_na_base_pair_step.j_label_asym_id_2 
_ndb_struct_na_base_pair_step.j_label_comp_id_2 
_ndb_struct_na_base_pair_step.j_label_seq_id_2 
_ndb_struct_na_base_pair_step.j_symmetry_2 
_ndb_struct_na_base_pair_step.shift 
_ndb_struct_na_base_pair_step.slide 
_ndb_struct_na_base_pair_step.rise 
_ndb_struct_na_base_pair_step.tilt 
_ndb_struct_na_base_pair_step.roll 
_ndb_struct_na_base_pair_step.twist 
_ndb_struct_na_base_pair_step.x_displacement 
_ndb_struct_na_base_pair_step.y_displacement 
_ndb_struct_na_base_pair_step.helical_rise 
_ndb_struct_na_base_pair_step.inclination 
_ndb_struct_na_base_pair_step.tip 
_ndb_struct_na_base_pair_step.helical_twist 
_ndb_struct_na_base_pair_step.step_number 
_ndb_struct_na_base_pair_step.step_name 
_ndb_struct_na_base_pair_step.i_auth_asym_id_1 
_ndb_struct_na_base_pair_step.i_auth_seq_id_1 
_ndb_struct_na_base_pair_step.i_PDB_ins_code_1 
_ndb_struct_na_base_pair_step.j_auth_asym_id_1 
_ndb_struct_na_base_pair_step.j_auth_seq_id_1 
_ndb_struct_na_base_pair_step.j_PDB_ins_code_1 
_ndb_struct_na_base_pair_step.i_auth_asym_id_2 
_ndb_struct_na_base_pair_step.i_auth_seq_id_2 
_ndb_struct_na_base_pair_step.i_PDB_ins_code_2 
_ndb_struct_na_base_pair_step.j_auth_asym_id_2 
_ndb_struct_na_base_pair_step.j_auth_seq_id_2 
_ndb_struct_na_base_pair_step.j_PDB_ins_code_2 
1 A DC 1  1_555 B DG 11 1_555 A DG 2  1_555 B DC 10 1_555 -0.100 -1.751 3.171 -0.214 -2.179 30.732 -2.876 0.147  3.285 -4.105  
0.403  30.808 1 AA_DC1DG2:DC10DG11_BB A 1  ? B 11 ? A 2  ? B 10 ? 
1 A DG 2  1_555 B DC 10 1_555 A DT 3  1_555 B DA 9  1_555 -0.387 -1.036 3.173 -0.206 -2.921 39.349 -1.197 0.549  3.240 -4.331  
0.306  39.454 2 AA_DG2DT3:DA9DC10_BB  A 2  ? B 10 ? A 3  ? B 9  ? 
1 A DT 3  1_555 B DA 9  1_555 A DA 4  1_555 B DT 8  1_555 0.179  -1.203 2.668 0.917  7.223  37.339 -2.567 -0.184 2.406 11.153  
-1.415 38.017 3 AA_DT3DA4:DT8DA9_BB   A 3  ? B 9  ? A 4  ? B 8  ? 
1 A DA 4  1_555 B DT 8  1_555 A DC 5  1_555 B DG 7  1_555 0.214  -1.024 3.090 0.174  -1.007 38.569 -1.432 -0.303 3.115 -1.524  
-0.264 38.582 4 AA_DA4DC5:DG7DT8_BB   A 4  ? B 8  ? A 5  ? B 7  ? 
1 A DC 5  1_555 B DG 7  1_555 A DC 7  1_555 B DG 5  1_555 -0.270 -0.739 6.238 6.108  20.472 70.892 -1.853 0.594  5.839 17.265  
-5.151 73.636 5 AA_DC5DC7:DG5DG7_BB   A 5  ? B 7  ? A 7  ? B 5  ? 
1 A DC 7  1_555 B DG 5  1_555 A DA 8  1_555 B DT 4  1_555 -0.005 -0.942 2.655 1.300  8.950  36.983 -2.332 0.136  2.370 13.857  
-2.013 38.035 6 AA_DC7DA8:DT4DG5_BB   A 7  ? B 5  ? A 8  ? B 4  ? 
1 A DA 8  1_555 B DT 4  1_555 A DT 9  1_555 B DA 3  1_555 -0.100 -0.912 3.010 -0.282 0.122  32.374 -1.655 0.133  3.007 0.218   
0.507  32.376 7 AA_DA8DT9:DA3DT4_BB   A 8  ? B 4  ? A 9  ? B 3  ? 
1 A DT 9  1_555 B DA 3  1_555 A DG 10 1_555 B DC 2  1_555 0.410  -1.306 2.595 -1.539 7.167  34.035 -3.005 -0.862 2.261 12.072  
2.592  34.792 8 AA_DT9DG10:DC2DA3_BB  A 9  ? B 3  ? A 10 ? B 2  ? 
1 A DG 10 1_555 B DC 2  1_555 A DC 11 1_555 B DG 1  1_555 0.518  -1.008 3.591 2.088  -8.709 46.241 -0.454 -0.455 3.730 -10.968 
-2.630 47.053 9 AA_DG10DC11:DG1DC2_BB A 10 ? B 2  ? A 11 ? B 1  ? 
# 
loop_
_pdbx_nmr_spectrometer.spectrometer_id 
_pdbx_nmr_spectrometer.model 
_pdbx_nmr_spectrometer.manufacturer 
_pdbx_nmr_spectrometer.field_strength 
_pdbx_nmr_spectrometer.type 
1 INOVA Varian 500 ? 
2 INOVA Varian 600 ? 
# 
_atom_sites.entry_id                    1B60 
_atom_sites.fract_transf_matrix[1][1]   1.000000 
_atom_sites.fract_transf_matrix[1][2]   0.000000 
_atom_sites.fract_transf_matrix[1][3]   0.000000 
_atom_sites.fract_transf_matrix[2][1]   0.000000 
_atom_sites.fract_transf_matrix[2][2]   1.000000 
_atom_sites.fract_transf_matrix[2][3]   0.000000 
_atom_sites.fract_transf_matrix[3][1]   0.000000 
_atom_sites.fract_transf_matrix[3][2]   0.000000 
_atom_sites.fract_transf_matrix[3][3]   1.000000 
_atom_sites.fract_transf_vector[1]      0.00000 
_atom_sites.fract_transf_vector[2]      0.00000 
_atom_sites.fract_transf_vector[3]      0.00000 
# 
loop_
_atom_type.symbol 
C 
H 
N 
O 
P 
# 
loop_
_atom_site.group_PDB 
_atom_site.id 
_atom_site.type_symbol 
_atom_site.label_atom_id 
_atom_site.label_alt_id 
_atom_site.label_comp_id 
_atom_site.label_asym_id 
_atom_site.label_entity_id 
_atom_site.label_seq_id 
_atom_site.pdbx_PDB_ins_code 
_atom_site.Cartn_x 
_atom_site.Cartn_y 
_atom_site.Cartn_z 
_atom_site.occupancy 
_atom_site.B_iso_or_equiv 
_atom_site.pdbx_formal_charge 
_atom_site.auth_seq_id 
_atom_site.auth_comp_id 
_atom_site.auth_asym_id 
_atom_site.auth_atom_id 
_atom_site.pdbx_PDB_model_num 
ATOM   1   O "O5'"  . DC  A 1 1  ? -10.558 -13.018 3.916   1.00 0.13 ? 1  DC  A "O5'"  1 
ATOM   2   C "C5'"  . DC  A 1 1  ? -11.496 -12.885 4.989   1.00 0.11 ? 1  DC  A "C5'"  1 
ATOM   3   C "C4'"  . DC  A 1 1  ? -11.044 -11.872 6.049   1.00 0.09 ? 1  DC  A "C4'"  1 
ATOM   4   O "O4'"  . DC  A 1 1  ? -9.798  -12.257 6.669   1.00 0.10 ? 1  DC  A "O4'"  1 
ATOM   5   C "C3'"  . DC  A 1 1  ? -10.827 -10.453 5.508   1.00 0.09 ? 1  DC  A "C3'"  1 
ATOM   6   O "O3'"  . DC  A 1 1  ? -11.204 -9.468  6.484   1.00 0.11 ? 1  DC  A "O3'"  1 
ATOM   7   C "C2'"  . DC  A 1 1  ? -9.348  -10.491 5.211   1.00 0.09 ? 1  DC  A "C2'"  1 
ATOM   8   C "C1'"  . DC  A 1 1  ? -8.849  -11.192 6.470   1.00 0.10 ? 1  DC  A "C1'"  1 
ATOM   9   N N1     . DC  A 1 1  ? -7.482  -11.738 6.274   1.00 0.09 ? 1  DC  A N1     1 
ATOM   10  C C2     . DC  A 1 1  ? -6.460  -11.320 7.120   1.00 0.08 ? 1  DC  A C2     1 
ATOM   11  O O2     . DC  A 1 1  ? -6.661  -10.517 8.024   1.00 0.09 ? 1  DC  A O2     1 
ATOM   12  N N3     . DC  A 1 1  ? -5.213  -11.826 6.929   1.00 0.08 ? 1  DC  A N3     1 
ATOM   13  C C4     . DC  A 1 1  ? -4.974  -12.707 5.948   1.00 0.09 ? 1  DC  A C4     1 
ATOM   14  N N4     . DC  A 1 1  ? -3.650  -13.217 5.777   1.00 0.10 ? 1  DC  A N4     1 
ATOM   15  C C5     . DC  A 1 1  ? -6.018  -13.143 5.072   1.00 0.10 ? 1  DC  A C5     1 
ATOM   16  C C6     . DC  A 1 1  ? -7.243  -12.633 5.275   1.00 0.10 ? 1  DC  A C6     1 
ATOM   17  H "H5'"  . DC  A 1 1  ? -11.621 -13.856 5.468   1.00 0.13 ? 1  DC  A "H5'"  1 
ATOM   18  H "H5''" . DC  A 1 1  ? -12.456 -12.570 4.579   1.00 0.13 ? 1  DC  A "H5''" 1 
ATOM   19  H "H4'"  . DC  A 1 1  ? -11.808 -11.820 6.825   1.00 0.13 ? 1  DC  A "H4'"  1 
ATOM   20  H "H3'"  . DC  A 1 1  ? -11.412 -10.291 4.602   1.00 0.13 ? 1  DC  A "H3'"  1 
ATOM   21  H "H2'"  . DC  A 1 1  ? -9.191  -11.155 4.361   1.00 0.16 ? 1  DC  A "H2'"  1 
ATOM   22  H "H2''" . DC  A 1 1  ? -8.885  -9.522  5.028   1.00 0.16 ? 1  DC  A "H2''" 1 
ATOM   23  H "H1'"  . DC  A 1 1  ? -8.892  -10.513 7.320   1.00 0.14 ? 1  DC  A "H1'"  1 
ATOM   24  H H41    . DC  A 1 1  ? -2.926  -12.897 6.403   1.00 0.12 ? 1  DC  A H41    1 
ATOM   25  H H42    . DC  A 1 1  ? -3.451  -13.883 5.045   1.00 0.14 ? 1  DC  A H42    1 
ATOM   26  H H5     . DC  A 1 1  ? -5.872  -13.855 4.261   1.00 0.13 ? 1  DC  A H5     1 
ATOM   27  H H6     . DC  A 1 1  ? -8.047  -12.959 4.615   1.00 0.13 ? 1  DC  A H6     1 
ATOM   28  H "HO5'" . DC  A 1 1  ? -10.484 -12.153 3.504   1.00 0.22 ? 1  DC  A "HO5'" 1 
ATOM   29  P P      . DG  A 1 2  ? -11.013 -7.876  6.266   1.00 0.12 ? 2  DG  A P      1 
ATOM   30  O OP1    . DG  A 1 2  ? -12.188 -7.196  6.858   1.00 0.16 ? 2  DG  A OP1    1 
ATOM   31  O OP2    . DG  A 1 2  ? -10.670 -7.635  4.845   1.00 0.16 ? 2  DG  A OP2    1 
ATOM   32  O "O5'"  . DG  A 1 2  ? -9.711  -7.539  7.161   1.00 0.14 ? 2  DG  A "O5'"  1 
ATOM   33  C "C5'"  . DG  A 1 2  ? -9.782  -7.470  8.596   1.00 0.14 ? 2  DG  A "C5'"  1 
ATOM   34  C "C4'"  . DG  A 1 2  ? -8.553  -6.805  9.229   1.00 0.11 ? 2  DG  A "C4'"  1 
ATOM   35  O "O4'"  . DG  A 1 2  ? -7.319  -7.514  9.001   1.00 0.11 ? 2  DG  A "O4'"  1 
ATOM   36  C "C3'"  . DG  A 1 2  ? -8.302  -5.366  8.760   1.00 0.10 ? 2  DG  A "C3'"  1 
ATOM   37  O "O3'"  . DG  A 1 2  ? -7.864  -4.558  9.868   1.00 0.11 ? 2  DG  A "O3'"  1 
ATOM   38  C "C2'"  . DG  A 1 2  ? -7.275  -5.604  7.679   1.00 0.10 ? 2  DG  A "C2'"  1 
ATOM   39  C "C1'"  . DG  A 1 2  ? -6.387  -6.600  8.396   1.00 0.08 ? 2  DG  A "C1'"  1 
ATOM   40  N N9     . DG  A 1 2  ? -5.491  -7.351  7.497   1.00 0.09 ? 2  DG  A N9     1 
ATOM   41  C C8     . DG  A 1 2  ? -5.786  -8.057  6.372   1.00 0.11 ? 2  DG  A C8     1 
ATOM   42  N N7     . DG  A 1 2  ? -4.788  -8.654  5.788   1.00 0.12 ? 2  DG  A N7     1 
ATOM   43  C C5     . DG  A 1 2  ? -3.720  -8.306  6.614   1.00 0.11 ? 2  DG  A C5     1 
ATOM   44  C C6     . DG  A 1 2  ? -2.346  -8.647  6.518   1.00 0.13 ? 2  DG  A C6     1 
ATOM   45  O O6     . DG  A 1 2  ? -1.786  -9.342  5.677   1.00 0.15 ? 2  DG  A O6     1 
ATOM   46  N N1     . DG  A 1 2  ? -1.606  -8.095  7.546   1.00 0.11 ? 2  DG  A N1     1 
ATOM   47  C C2     . DG  A 1 2  ? -2.119  -7.304  8.553   1.00 0.12 ? 2  DG  A C2     1 
ATOM   48  N N2     . DG  A 1 2  ? -1.213  -6.797  9.524   1.00 0.15 ? 2  DG  A N2     1 
ATOM   49  N N3     . DG  A 1 2  ? -3.405  -6.981  8.649   1.00 0.10 ? 2  DG  A N3     1 
ATOM   50  C C4     . DG  A 1 2  ? -4.143  -7.513  7.653   1.00 0.09 ? 2  DG  A C4     1 
ATOM   51  H "H5'"  . DG  A 1 2  ? -9.868  -8.482  8.991   1.00 0.17 ? 2  DG  A "H5'"  1 
ATOM   52  H "H5''" . DG  A 1 2  ? -10.668 -6.905  8.886   1.00 0.19 ? 2  DG  A "H5''" 1 
ATOM   53  H "H4'"  . DG  A 1 2  ? -8.716  -6.766  10.307  1.00 0.17 ? 2  DG  A "H4'"  1 
ATOM   54  H "H3'"  . DG  A 1 2  ? -9.209  -4.924  8.348   1.00 0.15 ? 2  DG  A "H3'"  1 
ATOM   55  H "H2'"  . DG  A 1 2  ? -7.761  -6.113  6.846   1.00 0.14 ? 2  DG  A "H2'"  1 
ATOM   56  H "H2''" . DG  A 1 2  ? -6.750  -4.710  7.343   1.00 0.16 ? 2  DG  A "H2''" 1 
ATOM   57  H "H1'"  . DG  A 1 2  ? -5.814  -6.077  9.162   1.00 0.17 ? 2  DG  A "H1'"  1 
ATOM   58  H H8     . DG  A 1 2  ? -6.806  -8.100  5.989   1.00 0.16 ? 2  DG  A H8     1 
ATOM   59  H H1     . DG  A 1 2  ? -0.622  -8.320  7.517   1.00 0.16 ? 2  DG  A H1     1 
ATOM   60  H H21    . DG  A 1 2  ? -0.260  -7.129  9.542   1.00 0.24 ? 2  DG  A H21    1 
ATOM   61  H H22    . DG  A 1 2  ? -1.562  -6.107  10.174  1.00 0.32 ? 2  DG  A H22    1 
ATOM   62  P P      . DT  A 1 3  ? -7.327  -3.038  9.742   1.00 0.09 ? 3  DT  A P      1 
ATOM   63  O OP1    . DT  A 1 3  ? -7.838  -2.278  10.907  1.00 0.14 ? 3  DT  A OP1    1 
ATOM   64  O OP2    . DT  A 1 3  ? -7.603  -2.545  8.372   1.00 0.12 ? 3  DT  A OP2    1 
ATOM   65  O "O5'"  . DT  A 1 3  ? -5.727  -3.199  9.897   1.00 0.10 ? 3  DT  A "O5'"  1 
ATOM   66  C "C5'"  . DT  A 1 3  ? -5.108  -3.471  11.165  1.00 0.08 ? 3  DT  A "C5'"  1 
ATOM   67  C "C4'"  . DT  A 1 3  ? -3.582  -3.304  11.128  1.00 0.08 ? 3  DT  A "C4'"  1 
ATOM   68  O "O4'"  . DT  A 1 3  ? -2.940  -4.203  10.200  1.00 0.08 ? 3  DT  A "O4'"  1 
ATOM   69  C "C3'"  . DT  A 1 3  ? -3.119  -1.890  10.746  1.00 0.08 ? 3  DT  A "C3'"  1 
ATOM   70  O "O3'"  . DT  A 1 3  ? -1.929  -1.517  11.461  1.00 0.10 ? 3  DT  A "O3'"  1 
ATOM   71  C "C2'"  . DT  A 1 3  ? -2.939  -2.056  9.254   1.00 0.09 ? 3  DT  A "C2'"  1 
ATOM   72  C "C1'"  . DT  A 1 3  ? -2.220  -3.408  9.241   1.00 0.08 ? 3  DT  A "C1'"  1 
ATOM   73  N N1     . DT  A 1 3  ? -2.196  -4.092  7.920   1.00 0.06 ? 3  DT  A N1     1 
ATOM   74  C C2     . DT  A 1 3  ? -0.985  -4.623  7.492   1.00 0.07 ? 3  DT  A C2     1 
ATOM   75  O O2     . DT  A 1 3  ? 0.059   -4.547  8.134   1.00 0.10 ? 3  DT  A O2     1 
ATOM   76  N N3     . DT  A 1 3  ? -1.003  -5.262  6.274   1.00 0.09 ? 3  DT  A N3     1 
ATOM   77  C C4     . DT  A 1 3  ? -2.095  -5.419  5.450   1.00 0.08 ? 3  DT  A C4     1 
ATOM   78  O O4     . DT  A 1 3  ? -1.977  -6.019  4.387   1.00 0.11 ? 3  DT  A O4     1 
ATOM   79  C C5     . DT  A 1 3  ? -3.313  -4.839  5.961   1.00 0.07 ? 3  DT  A C5     1 
ATOM   80  C C7     . DT  A 1 3  ? -4.603  -4.929  5.145   1.00 0.08 ? 3  DT  A C7     1 
ATOM   81  C C6     . DT  A 1 3  ? -3.329  -4.211  7.150   1.00 0.07 ? 3  DT  A C6     1 
ATOM   82  H "H5'"  . DT  A 1 3  ? -5.336  -4.497  11.454  1.00 0.11 ? 3  DT  A "H5'"  1 
ATOM   83  H "H5''" . DT  A 1 3  ? -5.514  -2.795  11.918  1.00 0.10 ? 3  DT  A "H5''" 1 
ATOM   84  H "H4'"  . DT  A 1 3  ? -3.195  -3.521  12.124  1.00 0.13 ? 3  DT  A "H4'"  1 
ATOM   85  H "H3'"  . DT  A 1 3  ? -3.892  -1.162  10.992  1.00 0.11 ? 3  DT  A "H3'"  1 
ATOM   86  H "H2'"  . DT  A 1 3  ? -3.935  -2.160  8.822   1.00 0.13 ? 3  DT  A "H2'"  1 
ATOM   87  H "H2''" . DT  A 1 3  ? -2.393  -1.251  8.761   1.00 0.14 ? 3  DT  A "H2''" 1 
ATOM   88  H "H1'"  . DT  A 1 3  ? -1.204  -3.261  9.606   1.00 0.12 ? 3  DT  A "H1'"  1 
ATOM   89  H H3     . DT  A 1 3  ? -0.127  -5.657  5.964   1.00 0.12 ? 3  DT  A H3     1 
ATOM   90  H H71    . DT  A 1 3  ? -5.360  -5.472  5.711   1.00 0.16 ? 3  DT  A H71    1 
ATOM   91  H H72    . DT  A 1 3  ? -4.966  -3.921  4.942   1.00 0.15 ? 3  DT  A H72    1 
ATOM   92  H H73    . DT  A 1 3  ? -4.419  -5.445  4.203   1.00 0.15 ? 3  DT  A H73    1 
ATOM   93  H H6     . DT  A 1 3  ? -4.283  -3.802  7.483   1.00 0.10 ? 3  DT  A H6     1 
ATOM   94  P P      . DA  A 1 4  ? -1.142  -0.127  11.196  1.00 0.13 ? 4  DA  A P      1 
ATOM   95  O OP1    . DA  A 1 4  ? -0.537  0.302   12.479  1.00 0.19 ? 4  DA  A OP1    1 
ATOM   96  O OP2    . DA  A 1 4  ? -2.042  0.800   10.473  1.00 0.18 ? 4  DA  A OP2    1 
ATOM   97  O "O5'"  . DA  A 1 4  ? 0.044   -0.558  10.185  1.00 0.11 ? 4  DA  A "O5'"  1 
ATOM   98  C "C5'"  . DA  A 1 4  ? 1.244   -1.180  10.670  1.00 0.09 ? 4  DA  A "C5'"  1 
ATOM   99  C "C4'"  . DA  A 1 4  ? 2.329   -1.339  9.599   1.00 0.08 ? 4  DA  A "C4'"  1 
ATOM   100 O "O4'"  . DA  A 1 4  ? 1.980   -2.239  8.527   1.00 0.08 ? 4  DA  A "O4'"  1 
ATOM   101 C "C3'"  . DA  A 1 4  ? 2.768   -0.027  8.935   1.00 0.07 ? 4  DA  A "C3'"  1 
ATOM   102 O "O3'"  . DA  A 1 4  ? 4.203   0.030   8.887   1.00 0.09 ? 4  DA  A "O3'"  1 
ATOM   103 C "C2'"  . DA  A 1 4  ? 2.068   -0.130  7.593   1.00 0.09 ? 4  DA  A "C2'"  1 
ATOM   104 C "C1'"  . DA  A 1 4  ? 2.304   -1.601  7.283   1.00 0.08 ? 4  DA  A "C1'"  1 
ATOM   105 N N9     . DA  A 1 4  ? 1.420   -2.139  6.226   1.00 0.07 ? 4  DA  A N9     1 
ATOM   106 C C8     . DA  A 1 4  ? 0.092   -1.918  6.001   1.00 0.09 ? 4  DA  A C8     1 
ATOM   107 N N7     . DA  A 1 4  ? -0.436  -2.551  4.999   1.00 0.10 ? 4  DA  A N7     1 
ATOM   108 C C5     . DA  A 1 4  ? 0.651   -3.267  4.503   1.00 0.08 ? 4  DA  A C5     1 
ATOM   109 C C6     . DA  A 1 4  ? 0.780   -4.153  3.430   1.00 0.09 ? 4  DA  A C6     1 
ATOM   110 N N6     . DA  A 1 4  ? -0.317  -4.497  2.583   1.00 0.12 ? 4  DA  A N6     1 
ATOM   111 N N1     . DA  A 1 4  ? 1.990   -4.687  3.210   1.00 0.09 ? 4  DA  A N1     1 
ATOM   112 C C2     . DA  A 1 4  ? 3.006   -4.365  4.003   1.00 0.08 ? 4  DA  A C2     1 
ATOM   113 N N3     . DA  A 1 4  ? 3.008   -3.547  5.041   1.00 0.08 ? 4  DA  A N3     1 
ATOM   114 C C4     . DA  A 1 4  ? 1.780   -3.024  5.240   1.00 0.07 ? 4  DA  A C4     1 
ATOM   115 H "H5'"  . DA  A 1 4  ? 1.001   -2.167  11.062  1.00 0.13 ? 4  DA  A "H5'"  1 
ATOM   116 H "H5''" . DA  A 1 4  ? 1.650   -0.573  11.479  1.00 0.15 ? 4  DA  A "H5''" 1 
ATOM   117 H "H4'"  . DA  A 1 4  ? 3.214   -1.748  10.086  1.00 0.12 ? 4  DA  A "H4'"  1 
ATOM   118 H "H3'"  . DA  A 1 4  ? 2.414   0.831   9.505   1.00 0.13 ? 4  DA  A "H3'"  1 
ATOM   119 H "H2'"  . DA  A 1 4  ? 1.000   0.018   7.756   1.00 0.18 ? 4  DA  A "H2'"  1 
ATOM   120 H "H2''" . DA  A 1 4  ? 2.435   0.546   6.821   1.00 0.13 ? 4  DA  A "H2''" 1 
ATOM   121 H "H1'"  . DA  A 1 4  ? 3.352   -1.754  7.030   1.00 0.17 ? 4  DA  A "H1'"  1 
ATOM   122 H H8     . DA  A 1 4  ? -0.502  -1.247  6.622   1.00 0.18 ? 4  DA  A H8     1 
ATOM   123 H H61    . DA  A 1 4  ? -0.188  -5.171  1.842   1.00 0.13 ? 4  DA  A H61    1 
ATOM   124 H H62    . DA  A 1 4  ? -1.216  -4.062  2.733   1.00 0.22 ? 4  DA  A H62    1 
ATOM   125 H H2     . DA  A 1 4  ? 3.963   -4.834  3.776   1.00 0.12 ? 4  DA  A H2     1 
ATOM   126 P P      . DC  A 1 5  ? 5.056   1.105   8.038   1.00 0.10 ? 5  DC  A P      1 
ATOM   127 O OP1    . DC  A 1 5  ? 6.256   1.469   8.824   1.00 0.14 ? 5  DC  A OP1    1 
ATOM   128 O OP2    . DC  A 1 5  ? 4.148   2.171   7.552   1.00 0.13 ? 5  DC  A OP2    1 
ATOM   129 O "O5'"  . DC  A 1 5  ? 5.516   0.225   6.769   1.00 0.11 ? 5  DC  A "O5'"  1 
ATOM   130 C "C5'"  . DC  A 1 5  ? 6.450   -0.857  6.912   1.00 0.10 ? 5  DC  A "C5'"  1 
ATOM   131 C "C4'"  . DC  A 1 5  ? 6.881   -1.442  5.565   1.00 0.08 ? 5  DC  A "C4'"  1 
ATOM   132 O "O4'"  . DC  A 1 5  ? 5.768   -1.990  4.832   1.00 0.09 ? 5  DC  A "O4'"  1 
ATOM   133 C "C3'"  . DC  A 1 5  ? 7.538   -0.402  4.648   1.00 0.07 ? 5  DC  A "C3'"  1 
ATOM   134 O "O3'"  . DC  A 1 5  ? 8.596   -0.959  3.845   1.00 0.09 ? 5  DC  A "O3'"  1 
ATOM   135 C "C2'"  . DC  A 1 5  ? 6.335   0.048   3.850   1.00 0.10 ? 5  DC  A "C2'"  1 
ATOM   136 C "C1'"  . DC  A 1 5  ? 5.699   -1.311  3.571   1.00 0.08 ? 5  DC  A "C1'"  1 
ATOM   137 N N1     . DC  A 1 5  ? 4.288   -1.278  3.101   1.00 0.08 ? 5  DC  A N1     1 
ATOM   138 C C2     . DC  A 1 5  ? 3.935   -2.109  2.043   1.00 0.08 ? 5  DC  A C2     1 
ATOM   139 O O2     . DC  A 1 5  ? 4.750   -2.834  1.482   1.00 0.10 ? 5  DC  A O2     1 
ATOM   140 N N3     . DC  A 1 5  ? 2.648   -2.104  1.621   1.00 0.08 ? 5  DC  A N3     1 
ATOM   141 C C4     . DC  A 1 5  ? 1.731   -1.327  2.195   1.00 0.08 ? 5  DC  A C4     1 
ATOM   142 N N4     . DC  A 1 5  ? 0.386   -1.378  1.710   1.00 0.12 ? 5  DC  A N4     1 
ATOM   143 C C5     . DC  A 1 5  ? 2.074   -0.464  3.277   1.00 0.08 ? 5  DC  A C5     1 
ATOM   144 C C6     . DC  A 1 5  ? 3.353   -0.473  3.696   1.00 0.08 ? 5  DC  A C6     1 
ATOM   145 H "H5'"  . DC  A 1 5  ? 5.986   -1.650  7.500   1.00 0.12 ? 5  DC  A "H5'"  1 
ATOM   146 H "H5''" . DC  A 1 5  ? 7.337   -0.499  7.435   1.00 0.13 ? 5  DC  A "H5''" 1 
ATOM   147 H "H4'"  . DC  A 1 5  ? 7.601   -2.241  5.745   1.00 0.14 ? 5  DC  A "H4'"  1 
ATOM   148 H "H3'"  . DC  A 1 5  ? 7.963   0.398   5.254   1.00 0.16 ? 5  DC  A "H3'"  1 
ATOM   149 H "H2'"  . DC  A 1 5  ? 5.683   0.624   4.507   1.00 0.20 ? 5  DC  A "H2'"  1 
ATOM   150 H "H2''" . DC  A 1 5  ? 6.571   0.624   2.954   1.00 0.16 ? 5  DC  A "H2''" 1 
ATOM   151 H "H1'"  . DC  A 1 5  ? 6.331   -1.851  2.865   1.00 0.16 ? 5  DC  A "H1'"  1 
ATOM   152 H H41    . DC  A 1 5  ? 0.157   -2.051  0.994   1.00 0.20 ? 5  DC  A H41    1 
ATOM   153 H H42    . DC  A 1 5  ? -0.314  -0.755  2.087   1.00 0.23 ? 5  DC  A H42    1 
ATOM   154 H H5     . DC  A 1 5  ? 1.338   0.188   3.749   1.00 0.15 ? 5  DC  A H5     1 
ATOM   155 H H6     . DC  A 1 5  ? 3.607   0.183   4.529   1.00 0.16 ? 5  DC  A H6     1 
HETATM 156 P P      . EDC A 1 6  ? 9.507   -0.052  2.859   1.00 0.08 ? 6  EDC A P      1 
HETATM 157 N N1     . EDC A 1 6  ? 5.377   -0.545  -0.651  1.00 0.08 ? 6  EDC A N1     1 
HETATM 158 C C2     . EDC A 1 6  ? 4.052   -0.674  -1.091  1.00 0.08 ? 6  EDC A C2     1 
HETATM 159 O O2     . EDC A 1 6  ? 3.763   -1.480  -1.974  1.00 0.09 ? 6  EDC A O2     1 
HETATM 160 N N3     . EDC A 1 6  ? 3.149   0.161   -0.458  1.00 0.08 ? 6  EDC A N3     1 
HETATM 161 C C4     . EDC A 1 6  ? 3.478   1.035   0.499   1.00 0.09 ? 6  EDC A C4     1 
HETATM 162 N N4     . EDC A 1 6  ? 2.410   1.706   0.972   1.00 0.11 ? 6  EDC A N4     1 
HETATM 163 C C5     . EDC A 1 6  ? 4.821   1.163   0.931   1.00 0.09 ? 6  EDC A C5     1 
HETATM 164 C C6     . EDC A 1 6  ? 5.728   0.360   0.335   1.00 0.08 ? 6  EDC A C6     1 
HETATM 165 C C7     . EDC A 1 6  ? 1.364   1.151   0.203   1.00 0.09 ? 6  EDC A C7     1 
HETATM 166 C C8     . EDC A 1 6  ? 1.834   0.236   -0.645  1.00 0.09 ? 6  EDC A C8     1 
HETATM 167 C "C1'"  . EDC A 1 6  ? 6.393   -1.447  -1.267  1.00 0.09 ? 6  EDC A "C1'"  1 
HETATM 168 C "C2'"  . EDC A 1 6  ? 7.318   -0.887  -2.346  1.00 0.10 ? 6  EDC A "C2'"  1 
HETATM 169 C "C3'"  . EDC A 1 6  ? 8.594   -0.559  -1.596  1.00 0.08 ? 6  EDC A "C3'"  1 
HETATM 170 O "O3'"  . EDC A 1 6  ? 9.738   -0.534  -2.464  1.00 0.11 ? 6  EDC A "O3'"  1 
HETATM 171 C "C4'"  . EDC A 1 6  ? 8.624   -1.769  -0.649  1.00 0.08 ? 6  EDC A "C4'"  1 
HETATM 172 O "O4'"  . EDC A 1 6  ? 7.257   -2.060  -0.299  1.00 0.10 ? 6  EDC A "O4'"  1 
HETATM 173 C "C5'"  . EDC A 1 6  ? 9.442   -1.514  0.619   1.00 0.10 ? 6  EDC A "C5'"  1 
HETATM 174 O "O5'"  . EDC A 1 6  ? 8.941   -0.408  1.390   1.00 0.11 ? 6  EDC A "O5'"  1 
HETATM 175 O OP1    . EDC A 1 6  ? 10.905  -0.533  2.964   1.00 0.13 ? 6  EDC A OP1    1 
HETATM 176 O OP2    . EDC A 1 6  ? 9.210   1.376   3.119   1.00 0.14 ? 6  EDC A OP2    1 
HETATM 177 H H5     . EDC A 1 6  ? 5.095   1.884   1.701   1.00 0.18 ? 6  EDC A H5     1 
HETATM 178 H H6     . EDC A 1 6  ? 6.757   0.458   0.681   1.00 0.19 ? 6  EDC A H6     1 
HETATM 179 H H7     . EDC A 1 6  ? 0.288   1.289   0.317   1.00 0.13 ? 6  EDC A H7     1 
HETATM 180 H H8     . EDC A 1 6  ? 1.192   -0.251  -1.380  1.00 0.12 ? 6  EDC A H8     1 
HETATM 181 H "H1'"  . EDC A 1 6  ? 5.848   -2.274  -1.724  1.00 0.12 ? 6  EDC A "H1'"  1 
HETATM 182 H "H2'"  . EDC A 1 6  ? 6.904   -0.103  -2.981  1.00 0.17 ? 6  EDC A "H2'"  1 
HETATM 183 H "H2''" . EDC A 1 6  ? 7.601   -1.695  -3.021  1.00 0.14 ? 6  EDC A "H2''" 1 
HETATM 184 H "H3'"  . EDC A 1 6  ? 8.501   0.397   -1.080  1.00 0.13 ? 6  EDC A "H3'"  1 
HETATM 185 H "H4'"  . EDC A 1 6  ? 9.048   -2.616  -1.187  1.00 0.14 ? 6  EDC A "H4'"  1 
HETATM 186 H "H5'"  . EDC A 1 6  ? 9.419   -2.418  1.229   1.00 0.14 ? 6  EDC A "H5'"  1 
HETATM 187 H "H5''" . EDC A 1 6  ? 10.474  -1.306  0.336   1.00 0.15 ? 6  EDC A "H5''" 1 
ATOM   188 P P      . DC  A 1 7  ? 10.138  0.729   -3.390  1.00 0.08 ? 7  DC  A P      1 
ATOM   189 O OP1    . DC  A 1 7  ? 11.523  0.526   -3.874  1.00 0.14 ? 7  DC  A OP1    1 
ATOM   190 O OP2    . DC  A 1 7  ? 9.791   1.974   -2.666  1.00 0.12 ? 7  DC  A OP2    1 
ATOM   191 O "O5'"  . DC  A 1 7  ? 9.139   0.605   -4.649  1.00 0.09 ? 7  DC  A "O5'"  1 
ATOM   192 C "C5'"  . DC  A 1 7  ? 9.202   -0.479  -5.590  1.00 0.09 ? 7  DC  A "C5'"  1 
ATOM   193 C "C4'"  . DC  A 1 7  ? 8.117   -0.362  -6.669  1.00 0.07 ? 7  DC  A "C4'"  1 
ATOM   194 O "O4'"  . DC  A 1 7  ? 6.805   -0.291  -6.073  1.00 0.08 ? 7  DC  A "O4'"  1 
ATOM   195 C "C3'"  . DC  A 1 7  ? 8.238   0.880   -7.563  1.00 0.08 ? 7  DC  A "C3'"  1 
ATOM   196 O "O3'"  . DC  A 1 7  ? 7.690   0.623   -8.868  1.00 0.10 ? 7  DC  A "O3'"  1 
ATOM   197 C "C2'"  . DC  A 1 7  ? 7.453   1.872   -6.728  1.00 0.09 ? 7  DC  A "C2'"  1 
ATOM   198 C "C1'"  . DC  A 1 7  ? 6.243   1.000   -6.368  1.00 0.07 ? 7  DC  A "C1'"  1 
ATOM   199 N N1     . DC  A 1 7  ? 5.459   1.482   -5.198  1.00 0.06 ? 7  DC  A N1     1 
ATOM   200 C C2     . DC  A 1 7  ? 4.078   1.325   -5.234  1.00 0.06 ? 7  DC  A C2     1 
ATOM   201 O O2     . DC  A 1 7  ? 3.512   0.819   -6.198  1.00 0.10 ? 7  DC  A O2     1 
ATOM   202 N N3     . DC  A 1 7  ? 3.346   1.748   -4.172  1.00 0.08 ? 7  DC  A N3     1 
ATOM   203 C C4     . DC  A 1 7  ? 3.936   2.305   -3.110  1.00 0.08 ? 7  DC  A C4     1 
ATOM   204 N N4     . DC  A 1 7  ? 3.122   2.740   -2.020  1.00 0.09 ? 7  DC  A N4     1 
ATOM   205 C C5     . DC  A 1 7  ? 5.353   2.474   -3.053  1.00 0.08 ? 7  DC  A C5     1 
ATOM   206 C C6     . DC  A 1 7  ? 6.069   2.052   -4.110  1.00 0.07 ? 7  DC  A C6     1 
ATOM   207 H "H5'"  . DC  A 1 7  ? 9.049   -1.415  -5.053  1.00 0.15 ? 7  DC  A "H5'"  1 
ATOM   208 H "H5''" . DC  A 1 7  ? 10.182  -0.499  -6.067  1.00 0.13 ? 7  DC  A "H5''" 1 
ATOM   209 H "H4'"  . DC  A 1 7  ? 8.165   -1.249  -7.301  1.00 0.13 ? 7  DC  A "H4'"  1 
ATOM   210 H "H3'"  . DC  A 1 7  ? 9.287   1.140   -7.701  1.00 0.17 ? 7  DC  A "H3'"  1 
ATOM   211 H "H2'"  . DC  A 1 7  ? 8.034   2.075   -5.828  1.00 0.16 ? 7  DC  A "H2'"  1 
ATOM   212 H "H2''" . DC  A 1 7  ? 7.208   2.818   -7.211  1.00 0.17 ? 7  DC  A "H2''" 1 
ATOM   213 H "H1'"  . DC  A 1 7  ? 5.597   0.897   -7.240  1.00 0.15 ? 7  DC  A "H1'"  1 
ATOM   214 H H41    . DC  A 1 7  ? 2.122   2.616   -2.088  1.00 0.19 ? 7  DC  A H41    1 
ATOM   215 H H42    . DC  A 1 7  ? 3.545   3.161   -1.204  1.00 0.16 ? 7  DC  A H42    1 
ATOM   216 H H5     . DC  A 1 7  ? 5.867   2.916   -2.200  1.00 0.13 ? 7  DC  A H5     1 
ATOM   217 H H6     . DC  A 1 7  ? 7.147   2.195   -4.055  1.00 0.11 ? 7  DC  A H6     1 
ATOM   218 P P      . DA  A 1 8  ? 7.439   1.757   -9.997  1.00 0.11 ? 8  DA  A P      1 
ATOM   219 O OP1    . DA  A 1 8  ? 7.946   1.234   -11.286 1.00 0.17 ? 8  DA  A OP1    1 
ATOM   220 O OP2    . DA  A 1 8  ? 7.935   3.059   -9.493  1.00 0.15 ? 8  DA  A OP2    1 
ATOM   221 O "O5'"  . DA  A 1 8  ? 5.827   1.833   -10.071 1.00 0.12 ? 8  DA  A "O5'"  1 
ATOM   222 C "C5'"  . DA  A 1 8  ? 5.056   0.767   -10.651 1.00 0.11 ? 8  DA  A "C5'"  1 
ATOM   223 C "C4'"  . DA  A 1 8  ? 3.567   1.107   -10.789 1.00 0.10 ? 8  DA  A "C4'"  1 
ATOM   224 O "O4'"  . DA  A 1 8  ? 2.916   1.343   -9.526  1.00 0.12 ? 8  DA  A "O4'"  1 
ATOM   225 C "C3'"  . DA  A 1 8  ? 3.272   2.328   -11.664 1.00 0.08 ? 8  DA  A "C3'"  1 
ATOM   226 O "O3'"  . DA  A 1 8  ? 2.122   2.093   -12.492 1.00 0.10 ? 8  DA  A "O3'"  1 
ATOM   227 C "C2'"  . DA  A 1 8  ? 3.110   3.404   -10.612 1.00 0.10 ? 8  DA  A "C2'"  1 
ATOM   228 C "C1'"  . DA  A 1 8  ? 2.315   2.648   -9.553  1.00 0.09 ? 8  DA  A "C1'"  1 
ATOM   229 N N9     . DA  A 1 8  ? 2.444   3.217   -8.193  1.00 0.07 ? 8  DA  A N9     1 
ATOM   230 C C8     . DA  A 1 8  ? 3.559   3.672   -7.552  1.00 0.08 ? 8  DA  A C8     1 
ATOM   231 N N7     . DA  A 1 8  ? 3.393   4.100   -6.339  1.00 0.09 ? 8  DA  A N7     1 
ATOM   232 C C5     . DA  A 1 8  ? 2.027   3.914   -6.149  1.00 0.08 ? 8  DA  A C5     1 
ATOM   233 C C6     . DA  A 1 8  ? 1.190   4.168   -5.060  1.00 0.10 ? 8  DA  A C6     1 
ATOM   234 N N6     . DA  A 1 8  ? 1.677   4.714   -3.833  1.00 0.12 ? 8  DA  A N6     1 
ATOM   235 N N1     . DA  A 1 8  ? -0.111  3.873   -5.193  1.00 0.11 ? 8  DA  A N1     1 
ATOM   236 C C2     . DA  A 1 8  ? -0.556  3.357   -6.335  1.00 0.11 ? 8  DA  A C2     1 
ATOM   237 N N3     . DA  A 1 8  ? 0.135   3.073   -7.430  1.00 0.09 ? 8  DA  A N3     1 
ATOM   238 C C4     . DA  A 1 8  ? 1.440   3.380   -7.268  1.00 0.07 ? 8  DA  A C4     1 
ATOM   239 H "H5'"  . DA  A 1 8  ? 5.148   -0.113  -10.016 1.00 0.17 ? 8  DA  A "H5'"  1 
ATOM   240 H "H5''" . DA  A 1 8  ? 5.453   0.532   -11.639 1.00 0.20 ? 8  DA  A "H5''" 1 
ATOM   241 H "H4'"  . DA  A 1 8  ? 3.075   0.251   -11.252 1.00 0.13 ? 8  DA  A "H4'"  1 
ATOM   242 H "H3'"  . DA  A 1 8  ? 4.119   2.539   -12.317 1.00 0.18 ? 8  DA  A "H3'"  1 
ATOM   243 H "H2'"  . DA  A 1 8  ? 4.101   3.621   -10.212 1.00 0.21 ? 8  DA  A "H2'"  1 
ATOM   244 H "H2''" . DA  A 1 8  ? 2.627   4.316   -10.960 1.00 0.16 ? 8  DA  A "H2''" 1 
ATOM   245 H "H1'"  . DA  A 1 8  ? 1.270   2.591   -9.860  1.00 0.17 ? 8  DA  A "H1'"  1 
ATOM   246 H H8     . DA  A 1 8  ? 4.541   3.681   -8.027  1.00 0.17 ? 8  DA  A H8     1 
ATOM   247 H H61    . DA  A 1 8  ? 1.047   4.854   -3.057  1.00 0.20 ? 8  DA  A H61    1 
ATOM   248 H H62    . DA  A 1 8  ? 2.654   4.954   -3.755  1.00 0.16 ? 8  DA  A H62    1 
ATOM   249 H H2     . DA  A 1 8  ? -1.623  3.141   -6.378  1.00 0.20 ? 8  DA  A H2     1 
ATOM   250 P P      . DT  A 1 9  ? 1.508   3.190   -13.508 1.00 0.07 ? 9  DT  A P      1 
ATOM   251 O OP1    . DT  A 1 9  ? 1.033   2.480   -14.719 1.00 0.09 ? 9  DT  A OP1    1 
ATOM   252 O OP2    . DT  A 1 9  ? 2.468   4.309   -13.648 1.00 0.11 ? 9  DT  A OP2    1 
ATOM   253 O "O5'"  . DT  A 1 9  ? 0.228   3.731   -12.691 1.00 0.11 ? 9  DT  A "O5'"  1 
ATOM   254 C "C5'"  . DT  A 1 9  ? -0.942  2.916   -12.518 1.00 0.10 ? 9  DT  A "C5'"  1 
ATOM   255 C "C4'"  . DT  A 1 9  ? -2.027  3.610   -11.693 1.00 0.11 ? 9  DT  A "C4'"  1 
ATOM   256 O "O4'"  . DT  A 1 9  ? -1.592  3.910   -10.351 1.00 0.11 ? 9  DT  A "O4'"  1 
ATOM   257 C "C3'"  . DT  A 1 9  ? -2.524  4.926   -12.311 1.00 0.10 ? 9  DT  A "C3'"  1 
ATOM   258 O "O3'"  . DT  A 1 9  ? -3.951  5.059   -12.186 1.00 0.12 ? 9  DT  A "O3'"  1 
ATOM   259 C "C2'"  . DT  A 1 9  ? -1.736  5.937   -11.484 1.00 0.09 ? 9  DT  A "C2'"  1 
ATOM   260 C "C1'"  . DT  A 1 9  ? -1.875  5.293   -10.102 1.00 0.09 ? 9  DT  A "C1'"  1 
ATOM   261 N N1     . DT  A 1 9  ? -0.963  5.827   -9.053  1.00 0.08 ? 9  DT  A N1     1 
ATOM   262 C C2     . DT  A 1 9  ? -1.508  6.091   -7.803  1.00 0.11 ? 9  DT  A C2     1 
ATOM   263 O O2     . DT  A 1 9  ? -2.691  5.915   -7.522  1.00 0.14 ? 9  DT  A O2     1 
ATOM   264 N N3     . DT  A 1 9  ? -0.638  6.578   -6.857  1.00 0.10 ? 9  DT  A N3     1 
ATOM   265 C C4     . DT  A 1 9  ? 0.705   6.826   -7.027  1.00 0.09 ? 9  DT  A C4     1 
ATOM   266 O O4     . DT  A 1 9  ? 1.365   7.257   -6.086  1.00 0.10 ? 9  DT  A O4     1 
ATOM   267 C C5     . DT  A 1 9  ? 1.197   6.529   -8.351  1.00 0.07 ? 9  DT  A C5     1 
ATOM   268 C C7     . DT  A 1 9  ? 2.670   6.765   -8.692  1.00 0.10 ? 9  DT  A C7     1 
ATOM   269 C C6     . DT  A 1 9  ? 0.370   6.049   -9.300  1.00 0.07 ? 9  DT  A C6     1 
ATOM   270 H "H5'"  . DT  A 1 9  ? -0.662  1.993   -12.009 1.00 0.15 ? 9  DT  A "H5'"  1 
ATOM   271 H "H5''" . DT  A 1 9  ? -1.353  2.670   -13.497 1.00 0.14 ? 9  DT  A "H5''" 1 
ATOM   272 H "H4'"  . DT  A 1 9  ? -2.885  2.941   -11.628 1.00 0.17 ? 9  DT  A "H4'"  1 
ATOM   273 H "H3'"  . DT  A 1 9  ? -2.308  4.930   -13.379 1.00 0.14 ? 9  DT  A "H3'"  1 
ATOM   274 H "H2'"  . DT  A 1 9  ? -0.685  5.909   -11.773 1.00 0.14 ? 9  DT  A "H2'"  1 
ATOM   275 H "H2''" . DT  A 1 9  ? -2.110  6.960   -11.516 1.00 0.14 ? 9  DT  A "H2''" 1 
ATOM   276 H "H1'"  . DT  A 1 9  ? -2.910  5.389   -9.773  1.00 0.14 ? 9  DT  A "H1'"  1 
ATOM   277 H H3     . DT  A 1 9  ? -1.025  6.772   -5.945  1.00 0.14 ? 9  DT  A H3     1 
ATOM   278 H H71    . DT  A 1 9  ? 2.737   7.512   -9.484  1.00 0.17 ? 9  DT  A H71    1 
ATOM   279 H H72    . DT  A 1 9  ? 3.207   7.123   -7.814  1.00 0.19 ? 9  DT  A H72    1 
ATOM   280 H H73    . DT  A 1 9  ? 3.125   5.838   -9.038  1.00 0.17 ? 9  DT  A H73    1 
ATOM   281 H H6     . DT  A 1 9  ? 0.800   5.833   -10.278 1.00 0.10 ? 9  DT  A H6     1 
ATOM   282 P P      . DG  A 1 10 ? -4.763  6.333   -12.767 1.00 0.10 ? 10 DG  A P      1 
ATOM   283 O OP1    . DG  A 1 10 ? -6.061  5.843   -13.290 1.00 0.16 ? 10 DG  A OP1    1 
ATOM   284 O OP2    . DG  A 1 10 ? -3.867  7.105   -13.660 1.00 0.13 ? 10 DG  A OP2    1 
ATOM   285 O "O5'"  . DG  A 1 10 ? -5.042  7.230   -11.452 1.00 0.16 ? 10 DG  A "O5'"  1 
ATOM   286 C "C5'"  . DG  A 1 10 ? -6.155  6.958   -10.584 1.00 0.14 ? 10 DG  A "C5'"  1 
ATOM   287 C "C4'"  . DG  A 1 10 ? -6.314  7.989   -9.462  1.00 0.11 ? 10 DG  A "C4'"  1 
ATOM   288 O "O4'"  . DG  A 1 10 ? -5.215  8.002   -8.529  1.00 0.14 ? 10 DG  A "O4'"  1 
ATOM   289 C "C3'"  . DG  A 1 10 ? -6.490  9.437   -9.948  1.00 0.10 ? 10 DG  A "C3'"  1 
ATOM   290 O "O3'"  . DG  A 1 10 ? -7.582  10.075  -9.263  1.00 0.12 ? 10 DG  A "O3'"  1 
ATOM   291 C "C2'"  . DG  A 1 10 ? -5.121  10.013  -9.650  1.00 0.14 ? 10 DG  A "C2'"  1 
ATOM   292 C "C1'"  . DG  A 1 10 ? -4.848  9.369   -8.305  1.00 0.14 ? 10 DG  A "C1'"  1 
ATOM   293 N N9     . DG  A 1 10 ? -3.435  9.442   -7.874  1.00 0.12 ? 10 DG  A N9     1 
ATOM   294 C C8     . DG  A 1 10 ? -2.294  9.252   -8.595  1.00 0.15 ? 10 DG  A C8     1 
ATOM   295 N N7     . DG  A 1 10 ? -1.175  9.365   -7.945  1.00 0.14 ? 10 DG  A N7     1 
ATOM   296 C C5     . DG  A 1 10 ? -1.614  9.662   -6.657  1.00 0.09 ? 10 DG  A C5     1 
ATOM   297 C C6     . DG  A 1 10 ? -0.865  9.904   -5.479  1.00 0.11 ? 10 DG  A C6     1 
ATOM   298 O O6     . DG  A 1 10 ? 0.352   9.896   -5.328  1.00 0.16 ? 10 DG  A O6     1 
ATOM   299 N N1     . DG  A 1 10 ? -1.682  10.166  -4.397  1.00 0.11 ? 10 DG  A N1     1 
ATOM   300 C C2     . DG  A 1 10 ? -3.059  10.197  -4.430  1.00 0.12 ? 10 DG  A C2     1 
ATOM   301 N N2     . DG  A 1 10 ? -3.728  10.492  -3.208  1.00 0.16 ? 10 DG  A N2     1 
ATOM   302 N N3     . DG  A 1 10 ? -3.770  9.971   -5.533  1.00 0.11 ? 10 DG  A N3     1 
ATOM   303 C C4     . DG  A 1 10 ? -2.988  9.712   -6.605  1.00 0.09 ? 10 DG  A C4     1 
ATOM   304 H "H5'"  . DG  A 1 10 ? -6.020  5.975   -10.130 1.00 0.22 ? 10 DG  A "H5'"  1 
ATOM   305 H "H5''" . DG  A 1 10 ? -7.068  6.948   -11.177 1.00 0.22 ? 10 DG  A "H5''" 1 
ATOM   306 H "H4'"  . DG  A 1 10 ? -7.215  7.736   -8.903  1.00 0.24 ? 10 DG  A "H4'"  1 
ATOM   307 H "H3'"  . DG  A 1 10 ? -6.695  9.462   -11.018 1.00 0.18 ? 10 DG  A "H3'"  1 
ATOM   308 H "H2'"  . DG  A 1 10 ? -4.407  9.608   -10.367 1.00 0.21 ? 10 DG  A "H2'"  1 
ATOM   309 H "H2''" . DG  A 1 10 ? -5.072  11.103  -9.637  1.00 0.23 ? 10 DG  A "H2''" 1 
ATOM   310 H "H1'"  . DG  A 1 10 ? -5.510  9.820   -7.566  1.00 0.22 ? 10 DG  A "H1'"  1 
ATOM   311 H H8     . DG  A 1 10 ? -2.316  9.020   -9.660  1.00 0.22 ? 10 DG  A H8     1 
ATOM   312 H H1     . DG  A 1 10 ? -1.185  10.341  -3.535  1.00 0.19 ? 10 DG  A H1     1 
ATOM   313 H H21    . DG  A 1 10 ? -3.178  10.657  -2.378  1.00 0.22 ? 10 DG  A H21    1 
ATOM   314 H H22    . DG  A 1 10 ? -4.737  10.531  -3.192  1.00 0.29 ? 10 DG  A H22    1 
ATOM   315 P P      . DC  A 1 11 ? -7.965  11.635  -9.441  1.00 0.11 ? 11 DC  A P      1 
ATOM   316 O OP1    . DC  A 1 11 ? -9.441  11.754  -9.456  1.00 0.18 ? 11 DC  A OP1    1 
ATOM   317 O OP2    . DC  A 1 11 ? -7.174  12.212  -10.551 1.00 0.20 ? 11 DC  A OP2    1 
ATOM   318 O "O5'"  . DC  A 1 11 ? -7.419  12.280  -8.067  1.00 0.12 ? 11 DC  A "O5'"  1 
ATOM   319 C "C5'"  . DC  A 1 11 ? -8.197  12.253  -6.861  1.00 0.13 ? 11 DC  A "C5'"  1 
ATOM   320 C "C4'"  . DC  A 1 11 ? -7.458  12.885  -5.685  1.00 0.14 ? 11 DC  A "C4'"  1 
ATOM   321 O "O4'"  . DC  A 1 11 ? -6.256  12.163  -5.362  1.00 0.14 ? 11 DC  A "O4'"  1 
ATOM   322 C "C3'"  . DC  A 1 11 ? -7.000  14.307  -6.010  1.00 0.12 ? 11 DC  A "C3'"  1 
ATOM   323 O "O3'"  . DC  A 1 11 ? -8.046  15.273  -5.890  1.00 0.21 ? 11 DC  A "O3'"  1 
ATOM   324 C "C2'"  . DC  A 1 11 ? -5.951  14.474  -4.942  1.00 0.16 ? 11 DC  A "C2'"  1 
ATOM   325 C "C1'"  . DC  A 1 11 ? -5.270  13.112  -4.913  1.00 0.11 ? 11 DC  A "C1'"  1 
ATOM   326 N N1     . DC  A 1 11 ? -3.973  13.060  -5.629  1.00 0.09 ? 11 DC  A N1     1 
ATOM   327 C C2     . DC  A 1 11 ? -2.811  13.283  -4.896  1.00 0.09 ? 11 DC  A C2     1 
ATOM   328 O O2     . DC  A 1 11 ? -2.842  13.522  -3.692  1.00 0.11 ? 11 DC  A O2     1 
ATOM   329 N N3     . DC  A 1 11 ? -1.619  13.233  -5.541  1.00 0.09 ? 11 DC  A N3     1 
ATOM   330 C C4     . DC  A 1 11 ? -1.558  12.977  -6.852  1.00 0.10 ? 11 DC  A C4     1 
ATOM   331 N N4     . DC  A 1 11 ? -0.275  12.932  -7.482  1.00 0.13 ? 11 DC  A N4     1 
ATOM   332 C C5     . DC  A 1 11 ? -2.743  12.746  -7.620  1.00 0.10 ? 11 DC  A C5     1 
ATOM   333 C C6     . DC  A 1 11 ? -3.920  12.798  -6.966  1.00 0.08 ? 11 DC  A C6     1 
ATOM   334 H "H5'"  . DC  A 1 11 ? -8.452  11.224  -6.605  1.00 0.22 ? 11 DC  A "H5'"  1 
ATOM   335 H "H5''" . DC  A 1 11 ? -9.116  12.813  -7.035  1.00 0.23 ? 11 DC  A "H5''" 1 
ATOM   336 H "H4'"  . DC  A 1 11 ? -8.114  12.913  -4.815  1.00 0.23 ? 11 DC  A "H4'"  1 
ATOM   337 H "H3'"  . DC  A 1 11 ? -6.525  14.386  -6.988  1.00 0.19 ? 11 DC  A "H3'"  1 
ATOM   338 H "HO3'" . DC  A 1 11 ? -8.719  15.030  -6.530  1.00 0.35 ? 11 DC  A "HO3'" 1 
ATOM   339 H "H2'"  . DC  A 1 11 ? -5.285  15.322  -5.101  1.00 0.25 ? 11 DC  A "H2'"  1 
ATOM   340 H "H2''" . DC  A 1 11 ? -6.504  14.616  -4.014  1.00 0.23 ? 11 DC  A "H2''" 1 
ATOM   341 H "H1'"  . DC  A 1 11 ? -5.080  12.872  -3.867  1.00 0.20 ? 11 DC  A "H1'"  1 
ATOM   342 H H41    . DC  A 1 11 ? 0.544   13.102  -6.914  1.00 0.19 ? 11 DC  A H41    1 
ATOM   343 H H42    . DC  A 1 11 ? -0.197  12.738  -8.469  1.00 0.21 ? 11 DC  A H42    1 
ATOM   344 H H5     . DC  A 1 11 ? -2.698  12.538  -8.689  1.00 0.22 ? 11 DC  A H5     1 
ATOM   345 H H6     . DC  A 1 11 ? -4.848  12.626  -7.512  1.00 0.21 ? 11 DC  A H6     1 
ATOM   346 O "O5'"  . DG  B 2 1  ? 7.585   14.859  0.034   1.00 0.19 ? 1  DG  B "O5'"  1 
ATOM   347 C "C5'"  . DG  B 2 1  ? 7.152   15.847  0.976   1.00 0.17 ? 1  DG  B "C5'"  1 
ATOM   348 C "C4'"  . DG  B 2 1  ? 5.655   15.744  1.293   1.00 0.12 ? 1  DG  B "C4'"  1 
ATOM   349 O "O4'"  . DG  B 2 1  ? 4.843   15.889  0.107   1.00 0.11 ? 1  DG  B "O4'"  1 
ATOM   350 C "C3'"  . DG  B 2 1  ? 5.237   14.411  1.926   1.00 0.09 ? 1  DG  B "C3'"  1 
ATOM   351 O "O3'"  . DG  B 2 1  ? 4.154   14.625  2.850   1.00 0.11 ? 1  DG  B "O3'"  1 
ATOM   352 C "C2'"  . DG  B 2 1  ? 4.839   13.636  0.686   1.00 0.10 ? 1  DG  B "C2'"  1 
ATOM   353 C "C1'"  . DG  B 2 1  ? 4.031   14.708  -0.034  1.00 0.10 ? 1  DG  B "C1'"  1 
ATOM   354 N N9     . DG  B 2 1  ? 3.787   14.398  -1.460  1.00 0.09 ? 1  DG  B N9     1 
ATOM   355 C C8     . DG  B 2 1  ? 4.668   14.252  -2.491  1.00 0.13 ? 1  DG  B C8     1 
ATOM   356 N N7     . DG  B 2 1  ? 4.153   13.986  -3.655  1.00 0.14 ? 1  DG  B N7     1 
ATOM   357 C C5     . DG  B 2 1  ? 2.788   13.952  -3.373  1.00 0.10 ? 1  DG  B C5     1 
ATOM   358 C C6     . DG  B 2 1  ? 1.683   13.708  -4.233  1.00 0.10 ? 1  DG  B C6     1 
ATOM   359 O O6     . DG  B 2 1  ? 1.680   13.469  -5.438  1.00 0.12 ? 1  DG  B O6     1 
ATOM   360 N N1     . DG  B 2 1  ? 0.478   13.763  -3.555  1.00 0.09 ? 1  DG  B N1     1 
ATOM   361 C C2     . DG  B 2 1  ? 0.346   14.020  -2.208  1.00 0.09 ? 1  DG  B C2     1 
ATOM   362 N N2     . DG  B 2 1  ? -0.963  14.022  -1.658  1.00 0.12 ? 1  DG  B N2     1 
ATOM   363 N N3     . DG  B 2 1  ? 1.376   14.250  -1.396  1.00 0.09 ? 1  DG  B N3     1 
ATOM   364 C C4     . DG  B 2 1  ? 2.560   14.201  -2.040  1.00 0.08 ? 1  DG  B C4     1 
ATOM   365 H "H5'"  . DG  B 2 1  ? 7.354   16.834  0.559   1.00 0.26 ? 1  DG  B "H5'"  1 
ATOM   366 H "H5''" . DG  B 2 1  ? 7.723   15.732  1.898   1.00 0.25 ? 1  DG  B "H5''" 1 
ATOM   367 H "H4'"  . DG  B 2 1  ? 5.394   16.543  1.986   1.00 0.21 ? 1  DG  B "H4'"  1 
ATOM   368 H "H3'"  . DG  B 2 1  ? 6.067   13.962  2.471   1.00 0.21 ? 1  DG  B "H3'"  1 
ATOM   369 H "H2'"  . DG  B 2 1  ? 5.726   13.410  0.093   1.00 0.19 ? 1  DG  B "H2'"  1 
ATOM   370 H "H2''" . DG  B 2 1  ? 4.290   12.716  0.881   1.00 0.19 ? 1  DG  B "H2''" 1 
ATOM   371 H "H1'"  . DG  B 2 1  ? 3.077   14.851  0.473   1.00 0.15 ? 1  DG  B "H1'"  1 
ATOM   372 H H8     . DG  B 2 1  ? 5.744   14.351  -2.349  1.00 0.16 ? 1  DG  B H8     1 
ATOM   373 H H1     . DG  B 2 1  ? -0.332  13.593  -4.132  1.00 0.10 ? 1  DG  B H1     1 
ATOM   374 H H21    . DG  B 2 1  ? -1.767  13.966  -2.266  1.00 0.16 ? 1  DG  B H21    1 
ATOM   375 H H22    . DG  B 2 1  ? -1.035  14.072  -0.652  1.00 0.19 ? 1  DG  B H22    1 
ATOM   376 H "HO5'" . DG  B 2 1  ? 7.026   14.951  -0.740  1.00 0.31 ? 1  DG  B "HO5'" 1 
ATOM   377 P P      . DC  B 2 2  ? 3.385   13.440  3.643   1.00 0.12 ? 2  DC  B P      1 
ATOM   378 O OP1    . DC  B 2 2  ? 3.185   13.890  5.039   1.00 0.18 ? 2  DC  B OP1    1 
ATOM   379 O OP2    . DC  B 2 2  ? 4.095   12.167  3.382   1.00 0.17 ? 2  DC  B OP2    1 
ATOM   380 O "O5'"  . DC  B 2 2  ? 1.943   13.360  2.915   1.00 0.14 ? 2  DC  B "O5'"  1 
ATOM   381 C "C5'"  . DC  B 2 2  ? 0.919   14.352  3.117   1.00 0.13 ? 2  DC  B "C5'"  1 
ATOM   382 C "C4'"  . DC  B 2 2  ? -0.465  13.891  2.630   1.00 0.13 ? 2  DC  B "C4'"  1 
ATOM   383 O "O4'"  . DC  B 2 2  ? -0.484  13.572  1.226   1.00 0.14 ? 2  DC  B "O4'"  1 
ATOM   384 C "C3'"  . DC  B 2 2  ? -1.003  12.652  3.352   1.00 0.14 ? 2  DC  B "C3'"  1 
ATOM   385 O "O3'"  . DC  B 2 2  ? -2.442  12.667  3.396   1.00 0.12 ? 2  DC  B "O3'"  1 
ATOM   386 C "C2'"  . DC  B 2 2  ? -0.418  11.557  2.456   1.00 0.17 ? 2  DC  B "C2'"  1 
ATOM   387 C "C1'"  . DC  B 2 2  ? -0.749  12.162  1.090   1.00 0.16 ? 2  DC  B "C1'"  1 
ATOM   388 N N1     . DC  B 2 2  ? 0.068   11.612  -0.023  1.00 0.13 ? 2  DC  B N1     1 
ATOM   389 C C2     . DC  B 2 2  ? -0.589  11.112  -1.142  1.00 0.12 ? 2  DC  B C2     1 
ATOM   390 O O2     . DC  B 2 2  ? -1.813  11.101  -1.228  1.00 0.15 ? 2  DC  B O2     1 
ATOM   391 N N3     . DC  B 2 2  ? 0.159   10.624  -2.163  1.00 0.11 ? 2  DC  B N3     1 
ATOM   392 C C4     . DC  B 2 2  ? 1.494   10.621  -2.104  1.00 0.10 ? 2  DC  B C4     1 
ATOM   393 N N4     . DC  B 2 2  ? 2.236   10.100  -3.211  1.00 0.18 ? 2  DC  B N4     1 
ATOM   394 C C5     . DC  B 2 2  ? 2.185   11.130  -0.964  1.00 0.12 ? 2  DC  B C5     1 
ATOM   395 C C6     . DC  B 2 2  ? 1.436   11.612  0.046   1.00 0.15 ? 2  DC  B C6     1 
ATOM   396 H "H5'"  . DC  B 2 2  ? 1.196   15.251  2.566   1.00 0.25 ? 2  DC  B "H5'"  1 
ATOM   397 H "H5''" . DC  B 2 2  ? 0.851   14.594  4.178   1.00 0.27 ? 2  DC  B "H5''" 1 
ATOM   398 H "H4'"  . DC  B 2 2  ? -1.166  14.708  2.800   1.00 0.22 ? 2  DC  B "H4'"  1 
ATOM   399 H "H3'"  . DC  B 2 2  ? -0.670  12.681  4.389   1.00 0.25 ? 2  DC  B "H3'"  1 
ATOM   400 H "H2'"  . DC  B 2 2  ? 0.666   11.513  2.557   1.00 0.28 ? 2  DC  B "H2'"  1 
ATOM   401 H "H2''" . DC  B 2 2  ? -0.835  10.558  2.582   1.00 0.33 ? 2  DC  B "H2''" 1 
ATOM   402 H "H1'"  . DC  B 2 2  ? -1.811  12.016  0.895   1.00 0.28 ? 2  DC  B "H1'"  1 
ATOM   403 H H41    . DC  B 2 2  ? 1.729   9.781   -4.025  1.00 0.23 ? 2  DC  B H41    1 
ATOM   404 H H42    . DC  B 2 2  ? 3.244   10.057  -3.174  1.00 0.30 ? 2  DC  B H42    1 
ATOM   405 H H5     . DC  B 2 2  ? 3.274   11.131  -0.909  1.00 0.26 ? 2  DC  B H5     1 
ATOM   406 H H6     . DC  B 2 2  ? 1.944   12.008  0.925   1.00 0.32 ? 2  DC  B H6     1 
ATOM   407 P P      . DA  B 2 3  ? -3.324  11.456  4.014   1.00 0.11 ? 3  DA  B P      1 
ATOM   408 O OP1    . DA  B 2 3  ? -4.496  12.057  4.691   1.00 0.14 ? 3  DA  B OP1    1 
ATOM   409 O OP2    . DA  B 2 3  ? -2.428  10.557  4.778   1.00 0.15 ? 3  DA  B OP2    1 
ATOM   410 O "O5'"  . DA  B 2 3  ? -3.842  10.647  2.711   1.00 0.13 ? 3  DA  B "O5'"  1 
ATOM   411 C "C5'"  . DA  B 2 3  ? -5.021  11.057  1.996   1.00 0.11 ? 3  DA  B "C5'"  1 
ATOM   412 C "C4'"  . DA  B 2 3  ? -5.533  10.009  0.997   1.00 0.11 ? 3  DA  B "C4'"  1 
ATOM   413 O "O4'"  . DA  B 2 3  ? -4.630  9.744   -0.093  1.00 0.13 ? 3  DA  B "O4'"  1 
ATOM   414 C "C3'"  . DA  B 2 3  ? -5.884  8.647   1.608   1.00 0.10 ? 3  DA  B "C3'"  1 
ATOM   415 O "O3'"  . DA  B 2 3  ? -7.133  8.175   1.078   1.00 0.11 ? 3  DA  B "O3'"  1 
ATOM   416 C "C2'"  . DA  B 2 3  ? -4.668  7.831   1.230   1.00 0.12 ? 3  DA  B "C2'"  1 
ATOM   417 C "C1'"  . DA  B 2 3  ? -4.435  8.323   -0.193  1.00 0.11 ? 3  DA  B "C1'"  1 
ATOM   418 N N9     . DA  B 2 3  ? -3.062  8.115   -0.700  1.00 0.08 ? 3  DA  B N9     1 
ATOM   419 C C8     . DA  B 2 3  ? -1.869  8.289   -0.064  1.00 0.10 ? 3  DA  B C8     1 
ATOM   420 N N7     . DA  B 2 3  ? -0.800  8.070   -0.765  1.00 0.10 ? 3  DA  B N7     1 
ATOM   421 C C5     . DA  B 2 3  ? -1.334  7.710   -1.999  1.00 0.08 ? 3  DA  B C5     1 
ATOM   422 C C6     . DA  B 2 3  ? -0.736  7.347   -3.205  1.00 0.07 ? 3  DA  B C6     1 
ATOM   423 N N6     . DA  B 2 3  ? 0.681   7.294   -3.372  1.00 0.10 ? 3  DA  B N6     1 
ATOM   424 N N1     . DA  B 2 3  ? -1.544  7.050   -4.232  1.00 0.09 ? 3  DA  B N1     1 
ATOM   425 C C2     . DA  B 2 3  ? -2.861  7.109   -4.076  1.00 0.10 ? 3  DA  B C2     1 
ATOM   426 N N3     . DA  B 2 3  ? -3.541  7.439   -2.990  1.00 0.09 ? 3  DA  B N3     1 
ATOM   427 C C4     . DA  B 2 3  ? -2.705  7.733   -1.971  1.00 0.07 ? 3  DA  B C4     1 
ATOM   428 H "H5'"  . DA  B 2 3  ? -4.799  11.974  1.451   1.00 0.19 ? 3  DA  B "H5'"  1 
ATOM   429 H "H5''" . DA  B 2 3  ? -5.816  11.261  2.714   1.00 0.17 ? 3  DA  B "H5''" 1 
ATOM   430 H "H4'"  . DA  B 2 3  ? -6.453  10.399  0.562   1.00 0.26 ? 3  DA  B "H4'"  1 
ATOM   431 H "H3'"  . DA  B 2 3  ? -5.976  8.721   2.691   1.00 0.15 ? 3  DA  B "H3'"  1 
ATOM   432 H "H2'"  . DA  B 2 3  ? -3.845  8.168   1.860   1.00 0.20 ? 3  DA  B "H2'"  1 
ATOM   433 H "H2''" . DA  B 2 3  ? -4.799  6.752   1.312   1.00 0.21 ? 3  DA  B "H2''" 1 
ATOM   434 H "H1'"  . DA  B 2 3  ? -5.178  7.875   -0.854  1.00 0.23 ? 3  DA  B "H1'"  1 
ATOM   435 H H8     . DA  B 2 3  ? -1.804  8.595   0.981   1.00 0.17 ? 3  DA  B H8     1 
ATOM   436 H H61    . DA  B 2 3  ? 1.068   7.079   -4.280  1.00 0.12 ? 3  DA  B H61    1 
ATOM   437 H H62    . DA  B 2 3  ? 1.281   7.476   -2.580  1.00 0.16 ? 3  DA  B H62    1 
ATOM   438 H H2     . DA  B 2 3  ? -3.457  6.854   -4.953  1.00 0.16 ? 3  DA  B H2     1 
ATOM   439 P P      . DT  B 2 4  ? -7.776  6.734   1.434   1.00 0.10 ? 4  DT  B P      1 
ATOM   440 O OP1    . DT  B 2 4  ? -9.246  6.899   1.521   1.00 0.16 ? 4  DT  B OP1    1 
ATOM   441 O OP2    . DT  B 2 4  ? -7.038  6.145   2.574   1.00 0.14 ? 4  DT  B OP2    1 
ATOM   442 O "O5'"  . DT  B 2 4  ? -7.431  5.873   0.117   1.00 0.13 ? 4  DT  B "O5'"  1 
ATOM   443 C "C5'"  . DT  B 2 4  ? -8.108  6.111   -1.128  1.00 0.12 ? 4  DT  B "C5'"  1 
ATOM   444 C "C4'"  . DT  B 2 4  ? -7.606  5.208   -2.254  1.00 0.12 ? 4  DT  B "C4'"  1 
ATOM   445 O "O4'"  . DT  B 2 4  ? -6.208  5.419   -2.546  1.00 0.12 ? 4  DT  B "O4'"  1 
ATOM   446 C "C3'"  . DT  B 2 4  ? -7.779  3.707   -1.969  1.00 0.11 ? 4  DT  B "C3'"  1 
ATOM   447 O "O3'"  . DT  B 2 4  ? -8.244  2.991   -3.127  1.00 0.12 ? 4  DT  B "O3'"  1 
ATOM   448 C "C2'"  . DT  B 2 4  ? -6.381  3.341   -1.524  1.00 0.11 ? 4  DT  B "C2'"  1 
ATOM   449 C "C1'"  . DT  B 2 4  ? -5.577  4.133   -2.555  1.00 0.10 ? 4  DT  B "C1'"  1 
ATOM   450 N N1     . DT  B 2 4  ? -4.121  4.248   -2.274  1.00 0.09 ? 4  DT  B N1     1 
ATOM   451 C C2     . DT  B 2 4  ? -3.245  4.041   -3.332  1.00 0.09 ? 4  DT  B C2     1 
ATOM   452 O O2     . DT  B 2 4  ? -3.605  3.770   -4.475  1.00 0.14 ? 4  DT  B O2     1 
ATOM   453 N N3     . DT  B 2 4  ? -1.906  4.155   -3.039  1.00 0.09 ? 4  DT  B N3     1 
ATOM   454 C C4     . DT  B 2 4  ? -1.360  4.451   -1.810  1.00 0.09 ? 4  DT  B C4     1 
ATOM   455 O O4     . DT  B 2 4  ? -0.141  4.527   -1.691  1.00 0.12 ? 4  DT  B O4     1 
ATOM   456 C C5     . DT  B 2 4  ? -2.333  4.651   -0.761  1.00 0.09 ? 4  DT  B C5     1 
ATOM   457 C C7     . DT  B 2 4  ? -1.875  4.978   0.663   1.00 0.13 ? 4  DT  B C7     1 
ATOM   458 C C6     . DT  B 2 4  ? -3.650  4.547   -1.019  1.00 0.10 ? 4  DT  B C6     1 
ATOM   459 H "H5'"  . DT  B 2 4  ? -7.950  7.148   -1.425  1.00 0.16 ? 4  DT  B "H5'"  1 
ATOM   460 H "H5''" . DT  B 2 4  ? -9.176  5.939   -0.990  1.00 0.17 ? 4  DT  B "H5''" 1 
ATOM   461 H "H4'"  . DT  B 2 4  ? -8.174  5.434   -3.156  1.00 0.19 ? 4  DT  B "H4'"  1 
ATOM   462 H "H3'"  . DT  B 2 4  ? -8.511  3.558   -1.176  1.00 0.16 ? 4  DT  B "H3'"  1 
ATOM   463 H "H2'"  . DT  B 2 4  ? -6.231  3.785   -0.541  1.00 0.16 ? 4  DT  B "H2'"  1 
ATOM   464 H "H2''" . DT  B 2 4  ? -6.168  2.272   -1.531  1.00 0.18 ? 4  DT  B "H2''" 1 
ATOM   465 H "H1'"  . DT  B 2 4  ? -5.733  3.685   -3.536  1.00 0.17 ? 4  DT  B "H1'"  1 
ATOM   466 H H3     . DT  B 2 4  ? -1.271  4.008   -3.809  1.00 0.12 ? 4  DT  B H3     1 
ATOM   467 H H71    . DT  B 2 4  ? -0.791  5.088   0.696   1.00 0.22 ? 4  DT  B H71    1 
ATOM   468 H H72    . DT  B 2 4  ? -2.342  5.905   0.998   1.00 0.18 ? 4  DT  B H72    1 
ATOM   469 H H73    . DT  B 2 4  ? -2.176  4.171   1.330   1.00 0.19 ? 4  DT  B H73    1 
ATOM   470 H H6     . DT  B 2 4  ? -4.337  4.717   -0.190  1.00 0.16 ? 4  DT  B H6     1 
ATOM   471 P P      . DG  B 2 5  ? -8.530  1.396   -3.123  1.00 0.13 ? 5  DG  B P      1 
ATOM   472 O OP1    . DG  B 2 5  ? -9.832  1.171   -3.793  1.00 0.18 ? 5  DG  B OP1    1 
ATOM   473 O OP2    . DG  B 2 5  ? -8.323  0.877   -1.751  1.00 0.16 ? 5  DG  B OP2    1 
ATOM   474 O "O5'"  . DG  B 2 5  ? -7.358  0.792   -4.058  1.00 0.13 ? 5  DG  B "O5'"  1 
ATOM   475 C "C5'"  . DG  B 2 5  ? -7.489  0.763   -5.489  1.00 0.11 ? 5  DG  B "C5'"  1 
ATOM   476 C "C4'"  . DG  B 2 5  ? -6.401  -0.066  -6.185  1.00 0.08 ? 5  DG  B "C4'"  1 
ATOM   477 O "O4'"  . DG  B 2 5  ? -5.081  0.478   -6.012  1.00 0.11 ? 5  DG  B "O4'"  1 
ATOM   478 C "C3'"  . DG  B 2 5  ? -6.327  -1.528  -5.730  1.00 0.10 ? 5  DG  B "C3'"  1 
ATOM   479 O "O3'"  . DG  B 2 5  ? -6.127  -2.406  -6.855  1.00 0.09 ? 5  DG  B "O3'"  1 
ATOM   480 C "C2'"  . DG  B 2 5  ? -5.190  -1.487  -4.755  1.00 0.10 ? 5  DG  B "C2'"  1 
ATOM   481 C "C1'"  . DG  B 2 5  ? -4.235  -0.553  -5.483  1.00 0.10 ? 5  DG  B "C1'"  1 
ATOM   482 N N9     . DG  B 2 5  ? -3.296  0.088   -4.550  1.00 0.08 ? 5  DG  B N9     1 
ATOM   483 C C8     . DG  B 2 5  ? -3.553  0.621   -3.329  1.00 0.09 ? 5  DG  B C8     1 
ATOM   484 N N7     . DG  B 2 5  ? -2.539  1.151   -2.709  1.00 0.10 ? 5  DG  B N7     1 
ATOM   485 C C5     . DG  B 2 5  ? -1.501  0.945   -3.621  1.00 0.07 ? 5  DG  B C5     1 
ATOM   486 C C6     . DG  B 2 5  ? -0.131  1.297   -3.537  1.00 0.08 ? 5  DG  B C6     1 
ATOM   487 O O6     . DG  B 2 5  ? 0.457   1.882   -2.633  1.00 0.09 ? 5  DG  B O6     1 
ATOM   488 N N1     . DG  B 2 5  ? 0.576   0.911   -4.660  1.00 0.08 ? 5  DG  B N1     1 
ATOM   489 C C2     . DG  B 2 5  ? 0.034   0.259   -5.749  1.00 0.10 ? 5  DG  B C2     1 
ATOM   490 N N2     . DG  B 2 5  ? 0.908   -0.072  -6.822  1.00 0.11 ? 5  DG  B N2     1 
ATOM   491 N N3     . DG  B 2 5  ? -1.253  -0.074  -5.836  1.00 0.10 ? 5  DG  B N3     1 
ATOM   492 C C4     . DG  B 2 5  ? -1.957  0.297   -4.744  1.00 0.08 ? 5  DG  B C4     1 
ATOM   493 H "H5'"  . DG  B 2 5  ? -7.445  1.782   -5.871  1.00 0.16 ? 5  DG  B "H5'"  1 
ATOM   494 H "H5''" . DG  B 2 5  ? -8.459  0.333   -5.742  1.00 0.13 ? 5  DG  B "H5''" 1 
ATOM   495 H "H4'"  . DG  B 2 5  ? -6.619  -0.072  -7.253  1.00 0.17 ? 5  DG  B "H4'"  1 
ATOM   496 H "H3'"  . DG  B 2 5  ? -7.219  -1.769  -5.153  1.00 0.18 ? 5  DG  B "H3'"  1 
ATOM   497 H "H2'"  . DG  B 2 5  ? -5.570  -0.990  -3.862  1.00 0.19 ? 5  DG  B "H2'"  1 
ATOM   498 H "H2''" . DG  B 2 5  ? -4.780  -2.456  -4.472  1.00 0.22 ? 5  DG  B "H2''" 1 
ATOM   499 H "H1'"  . DG  B 2 5  ? -3.714  -1.077  -6.286  1.00 0.15 ? 5  DG  B "H1'"  1 
ATOM   500 H H8     . DG  B 2 5  ? -4.569  0.580   -2.934  1.00 0.16 ? 5  DG  B H8     1 
ATOM   501 H H1     . DG  B 2 5  ? 1.557   1.148   -4.632  1.00 0.13 ? 5  DG  B H1     1 
ATOM   502 H H21    . DG  B 2 5  ? 1.872   0.225   -6.783  1.00 0.16 ? 5  DG  B H21    1 
ATOM   503 H H22    . DG  B 2 5  ? 0.547   -0.597  -7.606  1.00 0.18 ? 5  DG  B H22    1 
ATOM   504 P P      . DC  B 2 6  ? -5.878  -4.004  -6.757  1.00 0.07 ? 6  DC  B P      1 
ATOM   505 O OP1    . DC  B 2 6  ? -6.814  -4.666  -7.696  1.00 0.12 ? 6  DC  B OP1    1 
ATOM   506 O OP2    . DC  B 2 6  ? -5.876  -4.404  -5.330  1.00 0.13 ? 6  DC  B OP2    1 
ATOM   507 O "O5'"  . DC  B 2 6  ? -4.374  -4.186  -7.323  1.00 0.12 ? 6  DC  B "O5'"  1 
ATOM   508 C "C5'"  . DC  B 2 6  ? -4.070  -4.101  -8.728  1.00 0.12 ? 6  DC  B "C5'"  1 
ATOM   509 C "C4'"  . DC  B 2 6  ? -2.616  -4.478  -9.061  1.00 0.12 ? 6  DC  B "C4'"  1 
ATOM   510 O "O4'"  . DC  B 2 6  ? -1.654  -3.606  -8.425  1.00 0.13 ? 6  DC  B "O4'"  1 
ATOM   511 C "C3'"  . DC  B 2 6  ? -2.226  -5.912  -8.659  1.00 0.12 ? 6  DC  B "C3'"  1 
ATOM   512 O "O3'"  . DC  B 2 6  ? -1.327  -6.538  -9.590  1.00 0.12 ? 6  DC  B "O3'"  1 
ATOM   513 C "C2'"  . DC  B 2 6  ? -1.585  -5.661  -7.333  1.00 0.15 ? 6  DC  B "C2'"  1 
ATOM   514 C "C1'"  . DC  B 2 6  ? -0.754  -4.432  -7.669  1.00 0.13 ? 6  DC  B "C1'"  1 
ATOM   515 N N1     . DC  B 2 6  ? -0.270  -3.762  -6.441  1.00 0.11 ? 6  DC  B N1     1 
ATOM   516 C C2     . DC  B 2 6  ? 1.099   -3.593  -6.251  1.00 0.10 ? 6  DC  B C2     1 
ATOM   517 O O2     . DC  B 2 6  ? 1.912   -3.972  -7.092  1.00 0.12 ? 6  DC  B O2     1 
ATOM   518 N N3     . DC  B 2 6  ? 1.516   -2.988  -5.110  1.00 0.11 ? 6  DC  B N3     1 
ATOM   519 C C4     . DC  B 2 6  ? 0.637   -2.567  -4.196  1.00 0.11 ? 6  DC  B C4     1 
ATOM   520 N N4     . DC  B 2 6  ? 1.116   -1.939  -3.012  1.00 0.13 ? 6  DC  B N4     1 
ATOM   521 C C5     . DC  B 2 6  ? -0.770  -2.735  -4.383  1.00 0.12 ? 6  DC  B C5     1 
ATOM   522 C C6     . DC  B 2 6  ? -1.169  -3.333  -5.513  1.00 0.12 ? 6  DC  B C6     1 
ATOM   523 H "H5'"  . DC  B 2 6  ? -4.244  -3.078  -9.061  1.00 0.20 ? 6  DC  B "H5'"  1 
ATOM   524 H "H5''" . DC  B 2 6  ? -4.738  -4.765  -9.276  1.00 0.18 ? 6  DC  B "H5''" 1 
ATOM   525 H "H4'"  . DC  B 2 6  ? -2.483  -4.392  -10.139 1.00 0.20 ? 6  DC  B "H4'"  1 
ATOM   526 H "H3'"  . DC  B 2 6  ? -3.108  -6.537  -8.517  1.00 0.22 ? 6  DC  B "H3'"  1 
ATOM   527 H "H2'"  . DC  B 2 6  ? -2.390  -5.396  -6.647  1.00 0.26 ? 6  DC  B "H2'"  1 
ATOM   528 H "H2''" . DC  B 2 6  ? -0.977  -6.490  -6.973  1.00 0.28 ? 6  DC  B "H2''" 1 
ATOM   529 H "H1'"  . DC  B 2 6  ? 0.082   -4.745  -8.294  1.00 0.25 ? 6  DC  B "H1'"  1 
ATOM   530 H H41    . DC  B 2 6  ? 2.108   -1.866  -2.847  1.00 0.19 ? 6  DC  B H41    1 
ATOM   531 H H42    . DC  B 2 6  ? 0.447   -1.577  -2.348  1.00 0.21 ? 6  DC  B H42    1 
ATOM   532 H H5     . DC  B 2 6  ? -1.525  -2.407  -3.668  1.00 0.23 ? 6  DC  B H5     1 
ATOM   533 H H6     . DC  B 2 6  ? -2.237  -3.468  -5.681  1.00 0.26 ? 6  DC  B H6     1 
ATOM   534 P P      . DG  B 2 7  ? -0.815  -8.061  -9.385  1.00 0.10 ? 7  DG  B P      1 
ATOM   535 O OP1    . DG  B 2 7  ? -0.007  -8.426  -10.572 1.00 0.13 ? 7  DG  B OP1    1 
ATOM   536 O OP2    . DG  B 2 7  ? -1.981  -8.897  -9.019  1.00 0.12 ? 7  DG  B OP2    1 
ATOM   537 O "O5'"  . DG  B 2 7  ? 0.167   -7.975  -8.096  1.00 0.11 ? 7  DG  B "O5'"  1 
ATOM   538 C "C5'"  . DG  B 2 7  ? 1.539   -7.563  -8.215  1.00 0.11 ? 7  DG  B "C5'"  1 
ATOM   539 C "C4'"  . DG  B 2 7  ? 2.323   -7.558  -6.891  1.00 0.09 ? 7  DG  B "C4'"  1 
ATOM   540 O "O4'"  . DG  B 2 7  ? 1.913   -6.569  -5.924  1.00 0.09 ? 7  DG  B "O4'"  1 
ATOM   541 C "C3'"  . DG  B 2 7  ? 2.369   -8.898  -6.142  1.00 0.07 ? 7  DG  B "C3'"  1 
ATOM   542 O "O3'"  . DG  B 2 7  ? 3.743   -9.237  -5.887  1.00 0.09 ? 7  DG  B "O3'"  1 
ATOM   543 C "C2'"  . DG  B 2 7  ? 1.573   -8.564  -4.881  1.00 0.10 ? 7  DG  B "C2'"  1 
ATOM   544 C "C1'"  . DG  B 2 7  ? 2.068   -7.149  -4.620  1.00 0.08 ? 7  DG  B "C1'"  1 
ATOM   545 N N9     . DG  B 2 7  ? 1.298   -6.366  -3.623  1.00 0.08 ? 7  DG  B N9     1 
ATOM   546 C C8     . DG  B 2 7  ? -0.048  -6.197  -3.500  1.00 0.08 ? 7  DG  B C8     1 
ATOM   547 N N7     . DG  B 2 7  ? -0.448  -5.421  -2.538  1.00 0.08 ? 7  DG  B N7     1 
ATOM   548 C C5     . DG  B 2 7  ? 0.755   -5.030  -1.953  1.00 0.07 ? 7  DG  B C5     1 
ATOM   549 C C6     . DG  B 2 7  ? 0.991   -4.175  -0.844  1.00 0.07 ? 7  DG  B C6     1 
ATOM   550 O O6     . DG  B 2 7  ? 0.181   -3.569  -0.148  1.00 0.08 ? 7  DG  B O6     1 
ATOM   551 N N1     . DG  B 2 7  ? 2.337   -4.038  -0.572  1.00 0.07 ? 7  DG  B N1     1 
ATOM   552 C C2     . DG  B 2 7  ? 3.350   -4.653  -1.280  1.00 0.07 ? 7  DG  B C2     1 
ATOM   553 N N2     . DG  B 2 7  ? 4.687   -4.419  -0.854  1.00 0.10 ? 7  DG  B N2     1 
ATOM   554 N N3     . DG  B 2 7  ? 3.136   -5.455  -2.323  1.00 0.07 ? 7  DG  B N3     1 
ATOM   555 C C4     . DG  B 2 7  ? 1.822   -5.602  -2.605  1.00 0.07 ? 7  DG  B C4     1 
ATOM   556 H "H5'"  . DG  B 2 7  ? 1.575   -6.558  -8.633  1.00 0.14 ? 7  DG  B "H5'"  1 
ATOM   557 H "H5''" . DG  B 2 7  ? 2.040   -8.244  -8.903  1.00 0.14 ? 7  DG  B "H5''" 1 
ATOM   558 H "H4'"  . DG  B 2 7  ? 3.360   -7.334  -7.143  1.00 0.17 ? 7  DG  B "H4'"  1 
ATOM   559 H "H3'"  . DG  B 2 7  ? 1.921   -9.694  -6.735  1.00 0.15 ? 7  DG  B "H3'"  1 
ATOM   560 H "H2'"  . DG  B 2 7  ? 0.510   -8.490  -5.110  1.00 0.17 ? 7  DG  B "H2'"  1 
ATOM   561 H "H2''" . DG  B 2 7  ? 1.759   -9.244  -4.049  1.00 0.22 ? 7  DG  B "H2''" 1 
ATOM   562 H "H1'"  . DG  B 2 7  ? 3.118   -7.177  -4.329  1.00 0.12 ? 7  DG  B "H1'"  1 
ATOM   563 H H8     . DG  B 2 7  ? -0.753  -6.696  -4.166  1.00 0.13 ? 7  DG  B H8     1 
ATOM   564 H H1     . DG  B 2 7  ? 2.536   -3.434  0.212   1.00 0.09 ? 7  DG  B H1     1 
ATOM   565 H H21    . DG  B 2 7  ? 4.870   -3.787  -0.087  1.00 0.16 ? 7  DG  B H21    1 
ATOM   566 H H22    . DG  B 2 7  ? 5.437   -4.901  -1.329  1.00 0.18 ? 7  DG  B H22    1 
ATOM   567 P P      . DT  B 2 8  ? 4.242   -10.495 -5.003  1.00 0.08 ? 8  DT  B P      1 
ATOM   568 O OP1    . DT  B 2 8  ? 5.311   -11.193 -5.757  1.00 0.10 ? 8  DT  B OP1    1 
ATOM   569 O OP2    . DT  B 2 8  ? 3.063   -11.257 -4.530  1.00 0.11 ? 8  DT  B OP2    1 
ATOM   570 O "O5'"  . DT  B 2 8  ? 4.906   -9.768  -3.727  1.00 0.07 ? 8  DT  B "O5'"  1 
ATOM   571 C "C5'"  . DT  B 2 8  ? 6.107   -8.984  -3.840  1.00 0.08 ? 8  DT  B "C5'"  1 
ATOM   572 C "C4'"  . DT  B 2 8  ? 6.592   -8.461  -2.484  1.00 0.06 ? 8  DT  B "C4'"  1 
ATOM   573 O "O4'"  . DT  B 2 8  ? 5.617   -7.614  -1.841  1.00 0.08 ? 8  DT  B "O4'"  1 
ATOM   574 C "C3'"  . DT  B 2 8  ? 6.931   -9.578  -1.489  1.00 0.06 ? 8  DT  B "C3'"  1 
ATOM   575 O "O3'"  . DT  B 2 8  ? 8.045   -9.218  -0.653  1.00 0.10 ? 8  DT  B "O3'"  1 
ATOM   576 C "C2'"  . DT  B 2 8  ? 5.599   -9.682  -0.741  1.00 0.07 ? 8  DT  B "C2'"  1 
ATOM   577 C "C1'"  . DT  B 2 8  ? 5.318   -8.186  -0.558  1.00 0.08 ? 8  DT  B "C1'"  1 
ATOM   578 N N1     . DT  B 2 8  ? 3.928   -7.846  -0.148  1.00 0.06 ? 8  DT  B N1     1 
ATOM   579 C C2     . DT  B 2 8  ? 3.772   -6.946  0.898   1.00 0.06 ? 8  DT  B C2     1 
ATOM   580 O O2     . DT  B 2 8  ? 4.709   -6.425  1.499   1.00 0.07 ? 8  DT  B O2     1 
ATOM   581 N N3     . DT  B 2 8  ? 2.476   -6.647  1.248   1.00 0.08 ? 8  DT  B N3     1 
ATOM   582 C C4     . DT  B 2 8  ? 1.334   -7.151  0.669   1.00 0.08 ? 8  DT  B C4     1 
ATOM   583 O O4     . DT  B 2 8  ? 0.235   -6.789  1.076   1.00 0.09 ? 8  DT  B O4     1 
ATOM   584 C C5     . DT  B 2 8  ? 1.575   -8.080  -0.407  1.00 0.08 ? 8  DT  B C5     1 
ATOM   585 C C7     . DT  B 2 8  ? 0.386   -8.726  -1.127  1.00 0.11 ? 8  DT  B C7     1 
ATOM   586 C C6     . DT  B 2 8  ? 2.833   -8.393  -0.777  1.00 0.07 ? 8  DT  B C6     1 
ATOM   587 H "H5'"  . DT  B 2 8  ? 5.909   -8.131  -4.489  1.00 0.12 ? 8  DT  B "H5'"  1 
ATOM   588 H "H5''" . DT  B 2 8  ? 6.896   -9.594  -4.282  1.00 0.12 ? 8  DT  B "H5''" 1 
ATOM   589 H "H4'"  . DT  B 2 8  ? 7.496   -7.875  -2.647  1.00 0.11 ? 8  DT  B "H4'"  1 
ATOM   590 H "H3'"  . DT  B 2 8  ? 7.260   -10.453 -2.052  1.00 0.12 ? 8  DT  B "H3'"  1 
ATOM   591 H "H2'"  . DT  B 2 8  ? 4.830   -10.101 -1.390  1.00 0.15 ? 8  DT  B "H2'"  1 
ATOM   592 H "H2''" . DT  B 2 8  ? 5.613   -10.230 0.201   1.00 0.17 ? 8  DT  B "H2''" 1 
ATOM   593 H "H1'"  . DT  B 2 8  ? 6.029   -7.788  0.167   1.00 0.15 ? 8  DT  B "H1'"  1 
ATOM   594 H H3     . DT  B 2 8  ? 2.354   -5.989  2.006   1.00 0.11 ? 8  DT  B H3     1 
ATOM   595 H H71    . DT  B 2 8  ? 0.439   -9.809  -1.012  1.00 0.17 ? 8  DT  B H71    1 
ATOM   596 H H72    . DT  B 2 8  ? -0.549  -8.368  -0.697  1.00 0.17 ? 8  DT  B H72    1 
ATOM   597 H H73    . DT  B 2 8  ? 0.406   -8.475  -2.188  1.00 0.16 ? 8  DT  B H73    1 
ATOM   598 H H6     . DT  B 2 8  ? 2.957   -9.093  -1.603  1.00 0.10 ? 8  DT  B H6     1 
ATOM   599 P P      . DA  B 2 9  ? 8.612   -10.189 0.513   1.00 0.07 ? 9  DA  B P      1 
ATOM   600 O OP1    . DA  B 2 9  ? 10.091  -10.087 0.507   1.00 0.09 ? 9  DA  B OP1    1 
ATOM   601 O OP2    . DA  B 2 9  ? 7.978   -11.520 0.374   1.00 0.11 ? 9  DA  B OP2    1 
ATOM   602 O "O5'"  . DA  B 2 9  ? 8.053   -9.519  1.874   1.00 0.10 ? 9  DA  B "O5'"  1 
ATOM   603 C "C5'"  . DA  B 2 9  ? 8.742   -8.431  2.515   1.00 0.09 ? 9  DA  B "C5'"  1 
ATOM   604 C "C4'"  . DA  B 2 9  ? 8.209   -8.121  3.920   1.00 0.08 ? 9  DA  B "C4'"  1 
ATOM   605 O "O4'"  . DA  B 2 9  ? 6.852   -7.635  3.940   1.00 0.10 ? 9  DA  B "O4'"  1 
ATOM   606 C "C3'"  . DA  B 2 9  ? 8.256   -9.311  4.889   1.00 0.07 ? 9  DA  B "C3'"  1 
ATOM   607 O "O3'"  . DA  B 2 9  ? 8.739   -8.891  6.176   1.00 0.08 ? 9  DA  B "O3'"  1 
ATOM   608 C "C2'"  . DA  B 2 9  ? 6.812   -9.766  4.847   1.00 0.09 ? 9  DA  B "C2'"  1 
ATOM   609 C "C1'"  . DA  B 2 9  ? 6.101   -8.423  4.875   1.00 0.09 ? 9  DA  B "C1'"  1 
ATOM   610 N N9     . DA  B 2 9  ? 4.696   -8.485  4.416   1.00 0.07 ? 9  DA  B N9     1 
ATOM   611 C C8     . DA  B 2 9  ? 4.148   -9.230  3.414   1.00 0.09 ? 9  DA  B C8     1 
ATOM   612 N N7     . DA  B 2 9  ? 2.876   -9.077  3.209   1.00 0.09 ? 9  DA  B N7     1 
ATOM   613 C C5     . DA  B 2 9  ? 2.538   -8.132  4.175   1.00 0.08 ? 9  DA  B C5     1 
ATOM   614 C C6     . DA  B 2 9  ? 1.326   -7.523  4.503   1.00 0.09 ? 9  DA  B C6     1 
ATOM   615 N N6     . DA  B 2 9  ? 0.115   -7.819  3.808   1.00 0.09 ? 9  DA  B N6     1 
ATOM   616 N N1     . DA  B 2 9  ? 1.328   -6.635  5.507   1.00 0.08 ? 9  DA  B N1     1 
ATOM   617 C C2     . DA  B 2 9  ? 2.462   -6.369  6.147   1.00 0.07 ? 9  DA  B C2     1 
ATOM   618 N N3     . DA  B 2 9  ? 3.666   -6.877  5.929   1.00 0.06 ? 9  DA  B N3     1 
ATOM   619 C C4     . DA  B 2 9  ? 3.633   -7.767  4.914   1.00 0.06 ? 9  DA  B C4     1 
ATOM   620 H "H5'"  . DA  B 2 9  ? 8.642   -7.536  1.901   1.00 0.15 ? 9  DA  B "H5'"  1 
ATOM   621 H "H5''" . DA  B 2 9  ? 9.799   -8.684  2.595   1.00 0.13 ? 9  DA  B "H5''" 1 
ATOM   622 H "H4'"  . DA  B 2 9  ? 8.839   -7.340  4.346   1.00 0.14 ? 9  DA  B "H4'"  1 
ATOM   623 H "H3'"  . DA  B 2 9  ? 8.932   -10.081 4.515   1.00 0.17 ? 9  DA  B "H3'"  1 
ATOM   624 H "H2'"  . DA  B 2 9  ? 6.633   -10.230 3.876   1.00 0.20 ? 9  DA  B "H2'"  1 
ATOM   625 H "H2''" . DA  B 2 9  ? 6.506   -10.433 5.653   1.00 0.17 ? 9  DA  B "H2''" 1 
ATOM   626 H "H1'"  . DA  B 2 9  ? 6.177   -8.023  5.886   1.00 0.19 ? 9  DA  B "H1'"  1 
ATOM   627 H H8     . DA  B 2 9  ? 4.741   -9.921  2.816   1.00 0.17 ? 9  DA  B H8     1 
ATOM   628 H H61    . DA  B 2 9  ? -0.738  -7.338  4.056   1.00 0.13 ? 9  DA  B H61    1 
ATOM   629 H H62    . DA  B 2 9  ? 0.120   -8.508  3.070   1.00 0.16 ? 9  DA  B H62    1 
ATOM   630 H H2     . DA  B 2 9  ? 2.404   -5.636  6.951   1.00 0.13 ? 9  DA  B H2     1 
ATOM   631 P P      . DC  B 2 10 ? 8.715   -9.810  7.507   1.00 0.09 ? 10 DC  B P      1 
ATOM   632 O OP1    . DC  B 2 10 ? 9.933   -9.512  8.297   1.00 0.13 ? 10 DC  B OP1    1 
ATOM   633 O OP2    . DC  B 2 10 ? 8.417   -11.209 7.124   1.00 0.12 ? 10 DC  B OP2    1 
ATOM   634 O "O5'"  . DC  B 2 10 ? 7.435   -9.224  8.295   1.00 0.13 ? 10 DC  B "O5'"  1 
ATOM   635 C "C5'"  . DC  B 2 10 ? 7.451   -7.891  8.831   1.00 0.13 ? 10 DC  B "C5'"  1 
ATOM   636 C "C4'"  . DC  B 2 10 ? 6.156   -7.523  9.555   1.00 0.14 ? 10 DC  B "C4'"  1 
ATOM   637 O "O4'"  . DC  B 2 10 ? 5.001   -7.557  8.692   1.00 0.12 ? 10 DC  B "O4'"  1 
ATOM   638 C "C3'"  . DC  B 2 10 ? 5.833   -8.430  10.750  1.00 0.11 ? 10 DC  B "C3'"  1 
ATOM   639 O "O3'"  . DC  B 2 10 ? 5.339   -7.657  11.859  1.00 0.11 ? 10 DC  B "O3'"  1 
ATOM   640 C "C2'"  . DC  B 2 10 ? 4.837   -9.381  10.128  1.00 0.13 ? 10 DC  B "C2'"  1 
ATOM   641 C "C1'"  . DC  B 2 10 ? 4.015   -8.393  9.313   1.00 0.13 ? 10 DC  B "C1'"  1 
ATOM   642 N N1     . DC  B 2 10 ? 3.167   -9.039  8.282   1.00 0.10 ? 10 DC  B N1     1 
ATOM   643 C C2     . DC  B 2 10 ? 1.825   -8.685  8.212   1.00 0.11 ? 10 DC  B C2     1 
ATOM   644 O O2     . DC  B 2 10 ? 1.330   -7.867  8.983   1.00 0.14 ? 10 DC  B O2     1 
ATOM   645 N N3     . DC  B 2 10 ? 1.053   -9.269  7.262   1.00 0.11 ? 10 DC  B N3     1 
ATOM   646 C C4     . DC  B 2 10 ? 1.565   -10.164 6.412   1.00 0.10 ? 10 DC  B C4     1 
ATOM   647 N N4     . DC  B 2 10 ? 0.704   -10.745 5.428   1.00 0.14 ? 10 DC  B N4     1 
ATOM   648 C C5     . DC  B 2 10 ? 2.944   -10.540 6.471   1.00 0.11 ? 10 DC  B C5     1 
ATOM   649 C C6     . DC  B 2 10 ? 3.698   -9.955  7.417   1.00 0.11 ? 10 DC  B C6     1 
ATOM   650 H "H5'"  . DC  B 2 10 ? 7.597   -7.187  8.012   1.00 0.23 ? 10 DC  B "H5'"  1 
ATOM   651 H "H5''" . DC  B 2 10 ? 8.282   -7.797  9.530   1.00 0.19 ? 10 DC  B "H5''" 1 
ATOM   652 H "H4'"  . DC  B 2 10 ? 6.257   -6.507  9.936   1.00 0.25 ? 10 DC  B "H4'"  1 
ATOM   653 H "H3'"  . DC  B 2 10 ? 6.736   -8.952  11.068  1.00 0.22 ? 10 DC  B "H3'"  1 
ATOM   654 H "H2'"  . DC  B 2 10 ? 5.382   -10.025 9.436   1.00 0.31 ? 10 DC  B "H2'"  1 
ATOM   655 H "H2''" . DC  B 2 10 ? 4.231   -9.944  10.837  1.00 0.37 ? 10 DC  B "H2''" 1 
ATOM   656 H "H1'"  . DC  B 2 10 ? 3.413   -7.793  9.996   1.00 0.28 ? 10 DC  B "H1'"  1 
ATOM   657 H H41    . DC  B 2 10 ? -0.253  -10.425 5.384   1.00 0.23 ? 10 DC  B H41    1 
ATOM   658 H H42    . DC  B 2 10 ? 1.053   -11.454 4.798   1.00 0.25 ? 10 DC  B H42    1 
ATOM   659 H H5     . DC  B 2 10 ? 3.398   -11.264 5.795   1.00 0.22 ? 10 DC  B H5     1 
ATOM   660 H H6     . DC  B 2 10 ? 4.751   -10.232 7.473   1.00 0.23 ? 10 DC  B H6     1 
ATOM   661 P P      . DG  B 2 11 ? 4.708   -8.298  13.202  1.00 0.09 ? 11 DG  B P      1 
ATOM   662 O OP1    . DG  B 2 11 ? 5.128   -7.467  14.354  1.00 0.14 ? 11 DG  B OP1    1 
ATOM   663 O OP2    . DG  B 2 11 ? 4.978   -9.755  13.220  1.00 0.11 ? 11 DG  B OP2    1 
ATOM   664 O "O5'"  . DG  B 2 11 ? 3.123   -8.093  12.977  1.00 0.11 ? 11 DG  B "O5'"  1 
ATOM   665 C "C5'"  . DG  B 2 11 ? 2.509   -6.804  13.138  1.00 0.09 ? 11 DG  B "C5'"  1 
ATOM   666 C "C4'"  . DG  B 2 11 ? 0.986   -6.887  13.270  1.00 0.07 ? 11 DG  B "C4'"  1 
ATOM   667 O "O4'"  . DG  B 2 11 ? 0.340   -7.404  12.089  1.00 0.08 ? 11 DG  B "O4'"  1 
ATOM   668 C "C3'"  . DG  B 2 11 ? 0.525   -7.788  14.423  1.00 0.09 ? 11 DG  B "C3'"  1 
ATOM   669 O "O3'"  . DG  B 2 11 ? -0.681  -7.285  15.011  1.00 0.12 ? 11 DG  B "O3'"  1 
ATOM   670 C "C2'"  . DG  B 2 11 ? 0.324   -9.098  13.685  1.00 0.08 ? 11 DG  B "C2'"  1 
ATOM   671 C "C1'"  . DG  B 2 11 ? -0.408  -8.571  12.463  1.00 0.07 ? 11 DG  B "C1'"  1 
ATOM   672 N N9     . DG  B 2 11 ? -0.471  -9.514  11.332  1.00 0.06 ? 11 DG  B N9     1 
ATOM   673 C C8     . DG  B 2 11 ? 0.513   -10.263 10.763  1.00 0.07 ? 11 DG  B C8     1 
ATOM   674 N N7     . DG  B 2 11 ? 0.162   -11.000 9.751   1.00 0.08 ? 11 DG  B N7     1 
ATOM   675 C C5     . DG  B 2 11 ? -1.199  -10.711 9.637   1.00 0.07 ? 11 DG  B C5     1 
ATOM   676 C C6     . DG  B 2 11 ? -2.159  -11.202 8.717   1.00 0.07 ? 11 DG  B C6     1 
ATOM   677 O O6     . DG  B 2 11 ? -2.003  -12.001 7.801   1.00 0.09 ? 11 DG  B O6     1 
ATOM   678 N N1     . DG  B 2 11 ? -3.416  -10.663 8.942   1.00 0.07 ? 11 DG  B N1     1 
ATOM   679 C C2     . DG  B 2 11 ? -3.718  -9.756  9.937   1.00 0.07 ? 11 DG  B C2     1 
ATOM   680 N N2     . DG  B 2 11 ? -5.065  -9.301  10.023  1.00 0.08 ? 11 DG  B N2     1 
ATOM   681 N N3     . DG  B 2 11 ? -2.820  -9.292  10.805  1.00 0.07 ? 11 DG  B N3     1 
ATOM   682 C C4     . DG  B 2 11 ? -1.588  -9.809  10.596  1.00 0.06 ? 11 DG  B C4     1 
ATOM   683 H "H5'"  . DG  B 2 11 ? 2.755   -6.177  12.283  1.00 0.14 ? 11 DG  B "H5'"  1 
ATOM   684 H "H5''" . DG  B 2 11 ? 2.905   -6.336  14.040  1.00 0.15 ? 11 DG  B "H5''" 1 
ATOM   685 H "H4'"  . DG  B 2 11 ? 0.606   -5.882  13.453  1.00 0.12 ? 11 DG  B "H4'"  1 
ATOM   686 H "H3'"  . DG  B 2 11 ? 1.286   -7.851  15.201  1.00 0.15 ? 11 DG  B "H3'"  1 
ATOM   687 H "HO3'" . DG  B 2 11 ? -1.282  -7.075  14.292  1.00 0.19 ? 11 DG  B "HO3'" 1 
ATOM   688 H "H2'"  . DG  B 2 11 ? 1.290   -9.484  13.362  1.00 0.10 ? 11 DG  B "H2'"  1 
ATOM   689 H "H2''" . DG  B 2 11 ? -0.247  -9.854  14.222  1.00 0.12 ? 11 DG  B "H2''" 1 
ATOM   690 H "H1'"  . DG  B 2 11 ? -1.418  -8.292  12.762  1.00 0.14 ? 11 DG  B "H1'"  1 
ATOM   691 H H8     . DG  B 2 11 ? 1.534   -10.240 11.145  1.00 0.12 ? 11 DG  B H8     1 
ATOM   692 H H1     . DG  B 2 11 ? -4.129  -10.987 8.304   1.00 0.09 ? 11 DG  B H1     1 
ATOM   693 H H21    . DG  B 2 11 ? -5.746  -9.658  9.368   1.00 0.12 ? 11 DG  B H21    1 
ATOM   694 H H22    . DG  B 2 11 ? -5.326  -8.629  10.731  1.00 0.11 ? 11 DG  B H22    1 
# 
